data_8ZKJ
#
_entry.id   8ZKJ
#
_cell.length_a   86.000
_cell.length_b   86.000
_cell.length_c   194.770
_cell.angle_alpha   90.00
_cell.angle_beta   90.00
_cell.angle_gamma   90.00
#
_symmetry.space_group_name_H-M   'P 41 2 2'
#
loop_
_entity.id
_entity.type
_entity.pdbx_description
1 polymer 'L-lactate dehydrogenase C chain'
2 water water
#
_entity_poly.entity_id   1
_entity_poly.type   'polypeptide(L)'
_entity_poly.pdbx_seq_one_letter_code
;MASTVKEQLIEKLIEDDENSQCKITIVGTGAVGMACAISILLKDLADELALVDVAEDKLKGEMMDLQHGSLFFSTSKITS
GKDYSVSANSRIVIVTAGARQQEGETRLALVQRNVAIMKSIIPAIVHYSPDCKILVVSNPVDILTYIVWKISGLPVTRVI
GSGCNLDSARFRYLIGEKLGVHPTSCHGWIIGEHGDSSVPLWSGVNVAGVALKTLDPKLGTDSDKEHWKNIHKQVIQSAY
EIIKLKGYTSWAIGLSVMDLVGSILKNLRRVHPVSTMVKGLYGIKEELFLSIPCVLGRNGVSDVVKINLNSEEEALFKKS
AETLWNIQKDLQFLEHHHHHH
;
_entity_poly.pdbx_strand_id   A,B
#
# COMPACT_ATOMS: atom_id res chain seq x y z
N THR A 4 -39.62 4.68 -1.98
CA THR A 4 -38.18 4.52 -1.80
C THR A 4 -37.69 5.38 -0.66
N VAL A 5 -36.74 4.84 0.10
CA VAL A 5 -36.05 5.64 1.12
C VAL A 5 -35.37 6.82 0.46
N LYS A 6 -34.74 6.60 -0.71
CA LYS A 6 -34.02 7.68 -1.38
C LYS A 6 -34.96 8.80 -1.83
N GLU A 7 -36.11 8.45 -2.40
CA GLU A 7 -37.06 9.48 -2.82
C GLU A 7 -37.58 10.27 -1.64
N GLN A 8 -37.70 9.64 -0.46
CA GLN A 8 -38.19 10.32 0.74
C GLN A 8 -37.11 11.15 1.42
N LEU A 9 -35.84 10.84 1.19
CA LEU A 9 -34.74 11.47 1.90
C LEU A 9 -34.07 12.58 1.10
N ILE A 10 -34.09 12.51 -0.23
CA ILE A 10 -33.28 13.37 -1.06
C ILE A 10 -34.11 13.92 -2.21
N GLU A 11 -34.04 15.23 -2.40
CA GLU A 11 -34.67 15.90 -3.54
C GLU A 11 -33.56 16.25 -4.52
N LYS A 12 -33.57 15.60 -5.69
CA LYS A 12 -32.57 15.85 -6.71
C LYS A 12 -32.88 17.15 -7.44
N LEU A 13 -31.90 18.05 -7.49
CA LEU A 13 -32.05 19.33 -8.17
C LEU A 13 -31.26 19.44 -9.46
N ILE A 14 -30.21 18.64 -9.62
CA ILE A 14 -29.31 18.72 -10.76
C ILE A 14 -29.01 17.30 -11.21
N GLU A 15 -28.77 17.14 -12.51
CA GLU A 15 -28.48 15.81 -13.03
C GLU A 15 -27.14 15.30 -12.52
N ASP A 16 -27.03 13.98 -12.46
CA ASP A 16 -25.81 13.31 -12.04
C ASP A 16 -24.66 13.71 -12.95
N ASP A 17 -23.65 14.32 -12.36
CA ASP A 17 -22.38 14.55 -13.05
C ASP A 17 -21.44 13.43 -12.62
N GLU A 18 -21.31 12.41 -13.47
CA GLU A 18 -20.52 11.23 -13.17
C GLU A 18 -19.16 11.22 -13.86
N ASN A 19 -18.79 12.31 -14.54
CA ASN A 19 -17.49 12.37 -15.20
C ASN A 19 -16.36 12.35 -14.18
N SER A 20 -15.28 11.64 -14.52
CA SER A 20 -14.06 11.64 -13.72
C SER A 20 -13.15 12.77 -14.19
N GLN A 21 -12.51 13.45 -13.24
CA GLN A 21 -11.62 14.56 -13.58
C GLN A 21 -10.13 14.18 -13.55
N CYS A 22 -9.76 13.20 -12.72
CA CYS A 22 -8.38 12.78 -12.52
C CYS A 22 -8.36 11.26 -12.60
N LYS A 23 -8.71 10.72 -13.76
CA LYS A 23 -8.79 9.27 -13.91
C LYS A 23 -7.43 8.71 -14.26
N ILE A 24 -7.01 7.67 -13.53
CA ILE A 24 -5.76 6.95 -13.76
C ILE A 24 -6.11 5.51 -14.10
N THR A 25 -5.47 4.97 -15.13
CA THR A 25 -5.57 3.55 -15.46
C THR A 25 -4.24 2.86 -15.19
N ILE A 26 -4.27 1.67 -14.59
CA ILE A 26 -3.08 0.85 -14.42
C ILE A 26 -3.23 -0.38 -15.31
N VAL A 27 -2.24 -0.62 -16.18
CA VAL A 27 -2.24 -1.76 -17.08
C VAL A 27 -1.30 -2.82 -16.53
N GLY A 28 -1.86 -4.00 -16.22
CA GLY A 28 -1.07 -5.10 -15.68
C GLY A 28 -1.15 -5.09 -14.17
N THR A 29 -1.71 -6.14 -13.55
CA THR A 29 -2.07 -6.11 -12.14
C THR A 29 -1.33 -7.15 -11.32
N GLY A 30 -0.07 -7.41 -11.67
CA GLY A 30 0.80 -8.13 -10.78
C GLY A 30 1.23 -7.25 -9.61
N ALA A 31 2.24 -7.75 -8.89
CA ALA A 31 2.69 -7.10 -7.66
C ALA A 31 2.97 -5.61 -7.88
N VAL A 32 3.61 -5.26 -9.01
CA VAL A 32 4.02 -3.87 -9.24
C VAL A 32 2.81 -2.99 -9.51
N GLY A 33 1.94 -3.39 -10.44
CA GLY A 33 0.75 -2.60 -10.72
C GLY A 33 -0.11 -2.42 -9.48
N MET A 34 -0.25 -3.48 -8.68
CA MET A 34 -1.05 -3.38 -7.46
C MET A 34 -0.38 -2.51 -6.40
N ALA A 35 0.96 -2.50 -6.32
CA ALA A 35 1.61 -1.58 -5.41
C ALA A 35 1.43 -0.13 -5.85
N CYS A 36 1.51 0.12 -7.17
CA CYS A 36 1.18 1.46 -7.67
C CYS A 36 -0.24 1.84 -7.30
N ALA A 37 -1.16 0.87 -7.40
CA ALA A 37 -2.59 1.11 -7.13
C ALA A 37 -2.83 1.54 -5.70
N ILE A 38 -2.35 0.75 -4.72
CA ILE A 38 -2.61 1.09 -3.32
C ILE A 38 -1.88 2.38 -2.93
N SER A 39 -0.75 2.67 -3.57
CA SER A 39 0.00 3.89 -3.29
C SER A 39 -0.75 5.11 -3.78
N ILE A 40 -1.31 5.02 -4.98
CA ILE A 40 -2.03 6.13 -5.57
C ILE A 40 -3.34 6.37 -4.82
N LEU A 41 -4.05 5.29 -4.48
CA LEU A 41 -5.30 5.41 -3.74
C LEU A 41 -5.06 6.11 -2.40
N LEU A 42 -3.98 5.72 -1.72
CA LEU A 42 -3.68 6.20 -0.38
C LEU A 42 -3.14 7.62 -0.34
N LYS A 43 -2.77 8.21 -1.47
CA LYS A 43 -2.28 9.59 -1.49
C LYS A 43 -3.25 10.53 -2.20
N ASP A 44 -4.51 10.12 -2.37
CA ASP A 44 -5.58 11.04 -2.80
C ASP A 44 -5.25 11.73 -4.13
N LEU A 45 -4.93 10.91 -5.13
CA LEU A 45 -4.45 11.39 -6.40
C LEU A 45 -5.44 11.21 -7.54
N ALA A 46 -6.35 10.24 -7.45
CA ALA A 46 -7.29 9.92 -8.51
C ALA A 46 -8.73 10.05 -8.03
N ASP A 47 -9.60 10.56 -8.91
CA ASP A 47 -11.05 10.42 -8.78
C ASP A 47 -11.51 9.01 -9.12
N GLU A 48 -10.84 8.37 -10.07
CA GLU A 48 -11.18 7.03 -10.53
C GLU A 48 -9.92 6.24 -10.89
N LEU A 49 -9.86 5.01 -10.42
CA LEU A 49 -8.77 4.11 -10.73
C LEU A 49 -9.33 2.95 -11.55
N ALA A 50 -8.76 2.76 -12.73
CA ALA A 50 -9.16 1.70 -13.64
C ALA A 50 -8.01 0.74 -13.80
N LEU A 51 -8.30 -0.55 -13.76
CA LEU A 51 -7.31 -1.61 -13.80
C LEU A 51 -7.57 -2.47 -15.04
N VAL A 52 -6.52 -2.77 -15.81
CA VAL A 52 -6.65 -3.59 -16.99
C VAL A 52 -5.65 -4.74 -16.91
N ASP A 53 -6.10 -5.95 -17.18
CA ASP A 53 -5.22 -7.12 -17.19
C ASP A 53 -5.88 -8.21 -18.02
N VAL A 54 -5.06 -9.17 -18.47
CA VAL A 54 -5.64 -10.35 -19.14
C VAL A 54 -6.10 -11.43 -18.15
N ALA A 55 -5.60 -11.44 -16.92
CA ALA A 55 -6.03 -12.48 -15.98
C ALA A 55 -7.34 -12.02 -15.34
N GLU A 56 -8.45 -12.36 -16.02
CA GLU A 56 -9.74 -11.76 -15.66
C GLU A 56 -10.15 -12.05 -14.22
N ASP A 57 -9.99 -13.29 -13.78
CA ASP A 57 -10.39 -13.68 -12.43
C ASP A 57 -9.61 -12.90 -11.37
N LYS A 58 -8.27 -13.00 -11.38
CA LYS A 58 -7.45 -12.22 -10.45
C LYS A 58 -7.77 -10.74 -10.54
N LEU A 59 -8.04 -10.24 -11.75
CA LEU A 59 -8.32 -8.82 -11.94
C LEU A 59 -9.55 -8.39 -11.16
N LYS A 60 -10.66 -9.10 -11.35
CA LYS A 60 -11.87 -8.83 -10.58
C LYS A 60 -11.60 -8.99 -9.08
N GLY A 61 -10.79 -9.98 -8.71
CA GLY A 61 -10.42 -10.14 -7.31
C GLY A 61 -9.74 -8.91 -6.73
N GLU A 62 -8.73 -8.37 -7.43
CA GLU A 62 -8.05 -7.16 -6.97
C GLU A 62 -9.01 -5.98 -6.89
N MET A 63 -9.76 -5.74 -7.96
CA MET A 63 -10.71 -4.64 -7.95
C MET A 63 -11.65 -4.78 -6.77
N MET A 64 -12.19 -5.98 -6.55
CA MET A 64 -13.11 -6.15 -5.43
C MET A 64 -12.40 -6.04 -4.08
N ASP A 65 -11.13 -6.44 -4.02
CA ASP A 65 -10.41 -6.25 -2.76
C ASP A 65 -10.27 -4.77 -2.45
N LEU A 66 -9.96 -3.95 -3.46
CA LEU A 66 -9.84 -2.51 -3.26
C LEU A 66 -11.19 -1.89 -2.92
N GLN A 67 -12.24 -2.31 -3.62
CA GLN A 67 -13.57 -1.76 -3.39
C GLN A 67 -14.06 -2.06 -1.98
N HIS A 68 -13.77 -3.26 -1.47
CA HIS A 68 -14.24 -3.60 -0.14
C HIS A 68 -13.71 -2.64 0.91
N GLY A 69 -12.58 -1.99 0.64
CA GLY A 69 -12.05 -1.03 1.58
C GLY A 69 -12.30 0.43 1.24
N SER A 70 -13.28 0.69 0.35
CA SER A 70 -13.44 2.03 -0.28
C SER A 70 -13.53 3.18 0.72
N LEU A 71 -14.05 2.94 1.92
CA LEU A 71 -14.24 4.03 2.85
C LEU A 71 -12.92 4.64 3.28
N PHE A 72 -11.82 3.90 3.13
CA PHE A 72 -10.55 4.30 3.70
C PHE A 72 -9.63 4.99 2.69
N PHE A 73 -10.13 5.29 1.49
CA PHE A 73 -9.39 6.10 0.53
C PHE A 73 -10.37 7.03 -0.18
N SER A 74 -9.82 8.04 -0.87
CA SER A 74 -10.64 9.15 -1.37
C SER A 74 -11.15 8.93 -2.79
N THR A 75 -10.42 8.15 -3.59
CA THR A 75 -10.95 7.72 -4.88
C THR A 75 -12.36 7.13 -4.73
N SER A 76 -13.28 7.59 -5.56
CA SER A 76 -14.66 7.14 -5.43
C SER A 76 -15.02 5.99 -6.35
N LYS A 77 -14.33 5.83 -7.47
CA LYS A 77 -14.72 4.86 -8.49
C LYS A 77 -13.53 3.98 -8.82
N ILE A 78 -13.68 2.69 -8.60
CA ILE A 78 -12.69 1.74 -9.05
C ILE A 78 -13.35 0.83 -10.06
N THR A 79 -12.70 0.65 -11.19
CA THR A 79 -13.25 -0.20 -12.23
C THR A 79 -12.11 -1.04 -12.78
N SER A 80 -12.47 -2.10 -13.51
CA SER A 80 -11.48 -2.95 -14.13
C SER A 80 -12.11 -3.61 -15.34
N GLY A 81 -11.32 -4.41 -16.02
CA GLY A 81 -11.77 -5.16 -17.16
C GLY A 81 -10.59 -5.49 -18.04
N LYS A 82 -10.73 -6.57 -18.82
CA LYS A 82 -9.71 -6.93 -19.80
C LYS A 82 -9.76 -6.02 -21.02
N ASP A 83 -10.86 -5.29 -21.18
CA ASP A 83 -11.05 -4.47 -22.37
C ASP A 83 -10.62 -3.04 -22.08
N TYR A 84 -9.70 -2.54 -22.91
CA TYR A 84 -9.13 -1.22 -22.72
C TYR A 84 -10.14 -0.09 -22.85
N SER A 85 -11.41 -0.38 -23.17
CA SER A 85 -12.41 0.68 -23.15
C SER A 85 -12.67 1.19 -21.75
N VAL A 86 -12.36 0.39 -20.72
CA VAL A 86 -12.50 0.86 -19.33
C VAL A 86 -11.46 1.93 -19.02
N SER A 87 -10.36 1.97 -19.77
CA SER A 87 -9.32 2.97 -19.61
C SER A 87 -9.69 4.32 -20.19
N ALA A 88 -10.89 4.47 -20.75
CA ALA A 88 -11.23 5.65 -21.53
C ALA A 88 -11.07 6.94 -20.73
N ASN A 89 -10.44 7.93 -21.38
CA ASN A 89 -10.29 9.31 -20.88
C ASN A 89 -9.45 9.39 -19.59
N SER A 90 -8.33 8.67 -19.59
CA SER A 90 -7.38 8.76 -18.48
C SER A 90 -6.49 9.99 -18.62
N ARG A 91 -6.14 10.59 -17.48
CA ARG A 91 -5.03 11.55 -17.48
C ARG A 91 -3.70 10.84 -17.66
N ILE A 92 -3.53 9.68 -17.00
CA ILE A 92 -2.28 8.94 -16.97
C ILE A 92 -2.58 7.45 -17.10
N VAL A 93 -1.79 6.76 -17.92
CA VAL A 93 -1.91 5.32 -18.04
C VAL A 93 -0.54 4.75 -17.70
N ILE A 94 -0.50 3.93 -16.67
CA ILE A 94 0.73 3.35 -16.16
C ILE A 94 0.82 1.93 -16.69
N VAL A 95 1.84 1.67 -17.49
CA VAL A 95 2.00 0.37 -18.13
C VAL A 95 2.99 -0.41 -17.27
N THR A 96 2.48 -1.36 -16.48
CA THR A 96 3.34 -2.30 -15.78
C THR A 96 3.39 -3.66 -16.45
N ALA A 97 2.54 -3.92 -17.44
CA ALA A 97 2.59 -5.17 -18.17
C ALA A 97 3.85 -5.22 -19.03
N GLY A 98 4.12 -6.37 -19.58
CA GLY A 98 5.38 -6.54 -20.30
C GLY A 98 5.95 -7.92 -20.07
N ALA A 99 6.91 -8.27 -20.91
CA ALA A 99 7.43 -9.63 -20.93
C ALA A 99 8.20 -9.91 -19.65
N ARG A 100 8.16 -11.17 -19.22
CA ARG A 100 8.89 -11.63 -18.06
C ARG A 100 10.00 -12.55 -18.57
N GLN A 101 11.24 -12.13 -18.37
CA GLN A 101 12.38 -12.78 -19.02
C GLN A 101 12.52 -14.21 -18.55
N GLN A 102 12.30 -15.16 -19.47
CA GLN A 102 12.55 -16.56 -19.18
C GLN A 102 14.05 -16.80 -19.11
N GLU A 103 14.51 -17.49 -18.08
CA GLU A 103 15.93 -17.78 -17.93
C GLU A 103 16.45 -18.52 -19.16
N GLY A 104 17.60 -18.07 -19.66
CA GLY A 104 18.13 -18.58 -20.90
C GLY A 104 17.80 -17.75 -22.12
N GLU A 105 17.00 -16.70 -21.95
CA GLU A 105 16.59 -15.83 -23.04
C GLU A 105 17.59 -14.71 -23.22
N THR A 106 17.91 -14.39 -24.47
CA THR A 106 18.82 -13.28 -24.72
C THR A 106 18.11 -11.95 -24.43
N ARG A 107 18.91 -10.90 -24.32
CA ARG A 107 18.36 -9.57 -24.08
C ARG A 107 17.56 -9.08 -25.28
N LEU A 108 18.05 -9.33 -26.50
CA LEU A 108 17.32 -8.90 -27.69
C LEU A 108 16.00 -9.64 -27.85
N ALA A 109 15.93 -10.89 -27.38
CA ALA A 109 14.69 -11.65 -27.44
C ALA A 109 13.66 -11.09 -26.48
N LEU A 110 14.09 -10.78 -25.25
CA LEU A 110 13.19 -10.18 -24.26
C LEU A 110 12.62 -8.86 -24.76
N VAL A 111 13.48 -8.02 -25.35
CA VAL A 111 13.01 -6.76 -25.88
C VAL A 111 12.03 -6.99 -27.02
N GLN A 112 12.29 -8.00 -27.86
CA GLN A 112 11.45 -8.16 -29.05
C GLN A 112 10.09 -8.74 -28.68
N ARG A 113 10.03 -9.61 -27.68
CA ARG A 113 8.73 -10.01 -27.15
C ARG A 113 7.96 -8.79 -26.67
N ASN A 114 8.64 -7.81 -26.07
CA ASN A 114 7.94 -6.62 -25.59
C ASN A 114 7.43 -5.76 -26.74
N VAL A 115 8.15 -5.71 -27.86
CA VAL A 115 7.59 -5.06 -29.03
C VAL A 115 6.24 -5.68 -29.35
N ALA A 116 6.16 -7.01 -29.29
CA ALA A 116 4.90 -7.70 -29.57
C ALA A 116 3.81 -7.29 -28.58
N ILE A 117 4.10 -7.38 -27.27
CA ILE A 117 3.15 -6.95 -26.24
C ILE A 117 2.69 -5.52 -26.49
N MET A 118 3.64 -4.59 -26.56
CA MET A 118 3.29 -3.18 -26.67
C MET A 118 2.51 -2.90 -27.95
N LYS A 119 2.89 -3.55 -29.06
CA LYS A 119 2.15 -3.37 -30.30
C LYS A 119 0.67 -3.64 -30.11
N SER A 120 0.31 -4.50 -29.16
CA SER A 120 -1.06 -4.96 -28.98
C SER A 120 -1.84 -4.19 -27.93
N ILE A 121 -1.18 -3.35 -27.12
CA ILE A 121 -1.85 -2.64 -26.03
C ILE A 121 -1.72 -1.13 -26.19
N ILE A 122 -0.56 -0.64 -26.65
CA ILE A 122 -0.33 0.81 -26.70
C ILE A 122 -1.31 1.52 -27.61
N PRO A 123 -1.58 1.06 -28.85
CA PRO A 123 -2.54 1.80 -29.70
C PRO A 123 -3.95 1.90 -29.15
N ALA A 124 -4.43 0.90 -28.41
CA ALA A 124 -5.73 1.04 -27.77
C ALA A 124 -5.68 2.03 -26.63
N ILE A 125 -4.57 2.04 -25.87
CA ILE A 125 -4.40 3.05 -24.82
C ILE A 125 -4.59 4.44 -25.39
N VAL A 126 -3.95 4.70 -26.54
CA VAL A 126 -4.04 6.02 -27.16
C VAL A 126 -5.42 6.23 -27.76
N HIS A 127 -6.03 5.19 -28.32
CA HIS A 127 -7.37 5.33 -28.85
C HIS A 127 -8.30 5.93 -27.80
N TYR A 128 -8.49 5.22 -26.68
CA TYR A 128 -9.47 5.65 -25.69
C TYR A 128 -9.02 6.83 -24.84
N SER A 129 -7.74 7.17 -24.81
CA SER A 129 -7.24 8.23 -23.94
C SER A 129 -6.28 9.08 -24.73
N PRO A 130 -6.79 9.89 -25.66
CA PRO A 130 -5.90 10.52 -26.64
C PRO A 130 -5.01 11.61 -26.07
N ASP A 131 -5.41 12.28 -24.97
CA ASP A 131 -4.59 13.32 -24.33
C ASP A 131 -3.88 12.83 -23.06
N CYS A 132 -3.74 11.53 -22.87
CA CYS A 132 -3.13 11.04 -21.64
C CYS A 132 -1.61 11.19 -21.68
N LYS A 133 -1.02 10.99 -20.51
CA LYS A 133 0.40 10.66 -20.41
C LYS A 133 0.54 9.16 -20.16
N ILE A 134 1.59 8.56 -20.71
CA ILE A 134 1.88 7.16 -20.53
C ILE A 134 3.12 7.03 -19.68
N LEU A 135 2.97 6.38 -18.54
CA LEU A 135 4.10 6.14 -17.64
C LEU A 135 4.46 4.66 -17.76
N VAL A 136 5.64 4.39 -18.34
CA VAL A 136 6.10 3.03 -18.57
C VAL A 136 6.97 2.62 -17.39
N VAL A 137 6.63 1.47 -16.80
CA VAL A 137 7.28 1.03 -15.56
C VAL A 137 7.96 -0.35 -15.68
N SER A 138 7.57 -1.18 -16.66
CA SER A 138 8.14 -2.50 -16.86
C SER A 138 9.61 -2.45 -17.30
N ASN A 139 10.33 -3.62 -17.09
CA ASN A 139 11.74 -3.64 -17.45
C ASN A 139 11.95 -4.28 -18.82
N PRO A 140 13.06 -3.90 -19.50
CA PRO A 140 13.99 -2.80 -19.17
C PRO A 140 13.33 -1.49 -19.53
N VAL A 141 13.25 -0.54 -18.59
CA VAL A 141 12.32 0.57 -18.73
C VAL A 141 12.72 1.53 -19.86
N ASP A 142 14.02 1.66 -20.11
CA ASP A 142 14.49 2.66 -21.04
C ASP A 142 14.12 2.30 -22.47
N ILE A 143 14.52 1.10 -22.91
CA ILE A 143 14.19 0.66 -24.25
C ILE A 143 12.71 0.37 -24.37
N LEU A 144 12.05 0.00 -23.27
CA LEU A 144 10.60 -0.19 -23.33
C LEU A 144 9.89 1.14 -23.55
N THR A 145 10.33 2.20 -22.86
CA THR A 145 9.71 3.49 -23.08
C THR A 145 9.91 3.97 -24.52
N TYR A 146 11.09 3.71 -25.09
CA TYR A 146 11.31 3.99 -26.51
C TYR A 146 10.29 3.24 -27.36
N ILE A 147 10.10 1.95 -27.09
CA ILE A 147 9.15 1.15 -27.85
C ILE A 147 7.73 1.68 -27.69
N VAL A 148 7.34 1.98 -26.45
CA VAL A 148 6.01 2.54 -26.23
C VAL A 148 5.85 3.83 -27.00
N TRP A 149 6.87 4.70 -26.95
CA TRP A 149 6.74 6.00 -27.60
C TRP A 149 6.59 5.85 -29.10
N LYS A 150 7.43 5.00 -29.72
CA LYS A 150 7.33 4.79 -31.17
C LYS A 150 5.94 4.32 -31.58
N ILE A 151 5.44 3.26 -30.93
CA ILE A 151 4.13 2.72 -31.27
C ILE A 151 3.04 3.77 -31.02
N SER A 152 3.24 4.63 -30.02
CA SER A 152 2.15 5.47 -29.53
C SER A 152 1.78 6.58 -30.51
N GLY A 153 2.76 7.12 -31.23
CA GLY A 153 2.53 8.30 -32.04
C GLY A 153 2.47 9.62 -31.28
N LEU A 154 2.63 9.60 -29.96
CA LEU A 154 2.50 10.80 -29.15
C LEU A 154 3.83 11.55 -29.05
N PRO A 155 3.80 12.85 -28.75
CA PRO A 155 5.06 13.57 -28.52
C PRO A 155 5.87 12.96 -27.39
N VAL A 156 7.17 13.22 -27.45
CA VAL A 156 8.12 12.80 -26.41
C VAL A 156 7.67 13.25 -25.01
N THR A 157 7.06 14.44 -24.92
CA THR A 157 6.67 15.01 -23.63
C THR A 157 5.67 14.14 -22.87
N ARG A 158 4.94 13.24 -23.52
CA ARG A 158 3.88 12.51 -22.85
C ARG A 158 4.12 11.02 -22.79
N VAL A 159 5.33 10.55 -23.11
CA VAL A 159 5.71 9.17 -22.90
C VAL A 159 6.96 9.17 -22.05
N ILE A 160 6.84 8.69 -20.81
CA ILE A 160 7.84 8.81 -19.77
C ILE A 160 8.05 7.43 -19.16
N GLY A 161 9.31 7.03 -18.99
CA GLY A 161 9.63 5.83 -18.26
C GLY A 161 10.04 6.17 -16.84
N SER A 162 9.70 5.28 -15.89
CA SER A 162 10.01 5.51 -14.49
C SER A 162 11.52 5.63 -14.25
N GLY A 163 12.32 4.91 -15.03
CA GLY A 163 13.75 5.14 -15.05
C GLY A 163 14.45 5.07 -13.69
N CYS A 164 15.24 6.11 -13.41
CA CYS A 164 16.10 6.16 -12.24
C CYS A 164 15.48 6.90 -11.07
N ASN A 165 14.20 7.27 -11.15
CA ASN A 165 13.60 8.05 -10.08
C ASN A 165 13.72 7.33 -8.73
N LEU A 166 13.37 6.05 -8.67
CA LEU A 166 13.43 5.28 -7.43
C LEU A 166 14.87 5.20 -6.91
N ASP A 167 15.82 4.80 -7.76
CA ASP A 167 17.20 4.63 -7.34
C ASP A 167 17.84 5.96 -6.96
N SER A 168 17.53 7.04 -7.69
CA SER A 168 18.00 8.37 -7.29
C SER A 168 17.46 8.74 -5.92
N ALA A 169 16.17 8.45 -5.67
CA ALA A 169 15.60 8.74 -4.36
C ALA A 169 16.31 7.96 -3.26
N ARG A 170 16.54 6.66 -3.48
CA ARG A 170 17.21 5.85 -2.46
C ARG A 170 18.63 6.37 -2.18
N PHE A 171 19.32 6.76 -3.24
CA PHE A 171 20.65 7.34 -3.23
C PHE A 171 20.71 8.55 -2.32
N ARG A 172 19.99 9.64 -2.68
CA ARG A 172 19.91 10.80 -1.79
C ARG A 172 19.51 10.40 -0.36
N TYR A 173 18.59 9.46 -0.21
CA TYR A 173 18.17 9.06 1.13
C TYR A 173 19.34 8.53 1.94
N LEU A 174 20.13 7.62 1.36
CA LEU A 174 21.25 7.04 2.11
C LEU A 174 22.30 8.08 2.43
N ILE A 175 22.51 9.04 1.53
CA ILE A 175 23.42 10.13 1.82
C ILE A 175 22.97 10.87 3.06
N GLY A 176 21.68 11.18 3.13
CA GLY A 176 21.16 11.87 4.29
C GLY A 176 21.17 11.01 5.53
N GLU A 177 20.94 9.71 5.38
CA GLU A 177 21.04 8.83 6.54
C GLU A 177 22.46 8.86 7.12
N LYS A 178 23.48 8.65 6.27
CA LYS A 178 24.86 8.62 6.76
C LYS A 178 25.26 9.94 7.38
N LEU A 179 24.68 11.05 6.93
CA LEU A 179 25.03 12.35 7.47
C LEU A 179 24.14 12.78 8.64
N GLY A 180 23.07 12.06 8.93
CA GLY A 180 22.21 12.41 10.05
C GLY A 180 21.25 13.53 9.74
N VAL A 181 20.85 13.67 8.47
CA VAL A 181 20.15 14.82 7.97
C VAL A 181 18.97 14.35 7.11
N HIS A 182 17.81 15.00 7.26
CA HIS A 182 16.62 14.69 6.48
C HIS A 182 16.93 14.70 4.97
N PRO A 183 16.31 13.81 4.19
CA PRO A 183 16.59 13.76 2.75
C PRO A 183 16.34 15.04 1.98
N THR A 184 15.41 15.89 2.42
CA THR A 184 15.19 17.15 1.72
C THR A 184 16.41 18.06 1.74
N SER A 185 17.43 17.77 2.54
CA SER A 185 18.66 18.55 2.49
C SER A 185 19.64 18.08 1.43
N CYS A 186 19.36 17.00 0.72
CA CYS A 186 20.35 16.33 -0.11
C CYS A 186 19.93 16.39 -1.58
N HIS A 187 20.82 16.92 -2.41
CA HIS A 187 20.70 16.77 -3.84
C HIS A 187 21.67 15.72 -4.33
N GLY A 188 21.21 14.87 -5.24
CA GLY A 188 22.04 13.90 -5.89
C GLY A 188 21.22 13.17 -6.92
N TRP A 189 21.80 12.92 -8.09
CA TRP A 189 21.13 12.20 -9.16
C TRP A 189 21.86 10.92 -9.51
N ILE A 190 21.07 9.92 -9.86
CA ILE A 190 21.52 8.80 -10.66
C ILE A 190 20.85 8.97 -12.01
N ILE A 191 21.62 8.87 -13.10
CA ILE A 191 21.05 9.07 -14.42
C ILE A 191 21.48 7.92 -15.34
N GLY A 192 21.00 7.98 -16.58
CA GLY A 192 21.41 7.06 -17.60
C GLY A 192 20.56 5.81 -17.65
N GLU A 193 21.20 4.68 -17.91
CA GLU A 193 20.48 3.43 -18.07
C GLU A 193 20.14 2.87 -16.69
N HIS A 194 18.87 2.55 -16.49
CA HIS A 194 18.42 1.99 -15.22
C HIS A 194 19.21 0.72 -14.87
N GLY A 195 19.49 0.57 -13.58
CA GLY A 195 20.09 -0.68 -13.16
C GLY A 195 21.60 -0.66 -13.04
N ASP A 196 22.23 -1.75 -13.49
CA ASP A 196 23.66 -1.96 -13.24
C ASP A 196 24.53 -0.83 -13.76
N SER A 197 24.15 -0.26 -14.91
CA SER A 197 24.99 0.68 -15.65
C SER A 197 24.66 2.14 -15.35
N SER A 198 23.85 2.41 -14.33
CA SER A 198 23.42 3.78 -14.06
C SER A 198 24.58 4.61 -13.54
N VAL A 199 24.54 5.91 -13.79
CA VAL A 199 25.65 6.80 -13.51
C VAL A 199 25.27 7.64 -12.28
N PRO A 200 25.97 7.50 -11.16
CA PRO A 200 25.76 8.42 -10.04
C PRO A 200 26.55 9.70 -10.31
N LEU A 201 25.88 10.85 -10.18
CA LEU A 201 26.54 12.14 -10.43
C LEU A 201 27.16 12.67 -9.13
N TRP A 202 28.29 12.08 -8.78
CA TRP A 202 28.97 12.47 -7.55
C TRP A 202 29.45 13.93 -7.61
N SER A 203 29.81 14.43 -8.79
CA SER A 203 30.23 15.82 -8.92
C SER A 203 29.15 16.81 -8.47
N GLY A 204 27.87 16.45 -8.58
CA GLY A 204 26.83 17.37 -8.18
C GLY A 204 26.16 17.10 -6.85
N VAL A 205 26.60 16.09 -6.10
CA VAL A 205 25.93 15.73 -4.86
C VAL A 205 26.21 16.81 -3.82
N ASN A 206 25.15 17.34 -3.22
CA ASN A 206 25.40 18.39 -2.25
C ASN A 206 24.33 18.37 -1.16
N VAL A 207 24.76 18.71 0.05
CA VAL A 207 23.93 18.62 1.23
C VAL A 207 23.98 19.97 1.92
N ALA A 208 22.80 20.52 2.24
CA ALA A 208 22.68 21.80 2.96
C ALA A 208 23.51 22.89 2.31
N GLY A 209 23.53 22.90 0.99
CA GLY A 209 24.27 23.93 0.28
C GLY A 209 25.77 23.75 0.29
N VAL A 210 26.26 22.51 0.25
CA VAL A 210 27.69 22.25 0.25
C VAL A 210 27.96 21.09 -0.71
N ALA A 211 28.67 21.36 -1.79
CA ALA A 211 29.07 20.33 -2.74
C ALA A 211 30.03 19.38 -2.05
N LEU A 212 29.60 18.12 -1.88
CA LEU A 212 30.37 17.14 -1.14
C LEU A 212 31.77 16.93 -1.70
N LYS A 213 31.93 17.05 -3.02
CA LYS A 213 33.24 16.90 -3.63
C LYS A 213 34.26 17.95 -3.17
N THR A 214 33.81 19.09 -2.66
CA THR A 214 34.79 20.00 -2.08
C THR A 214 35.27 19.51 -0.72
N LEU A 215 34.51 18.67 -0.04
CA LEU A 215 34.96 18.09 1.21
C LEU A 215 35.79 16.84 1.00
N ASP A 216 35.49 16.07 -0.04
CA ASP A 216 36.24 14.85 -0.34
C ASP A 216 36.28 14.72 -1.85
N PRO A 217 37.34 15.23 -2.49
CA PRO A 217 37.41 15.13 -3.96
C PRO A 217 37.46 13.68 -4.44
N LYS A 218 37.76 12.72 -3.56
CA LYS A 218 37.79 11.32 -3.96
C LYS A 218 36.44 10.63 -3.83
N LEU A 219 35.46 11.31 -3.24
CA LEU A 219 34.15 10.71 -2.98
C LEU A 219 33.60 10.05 -4.24
N GLY A 220 33.13 8.81 -4.08
CA GLY A 220 32.55 8.04 -5.17
C GLY A 220 33.51 7.38 -6.13
N THR A 221 34.83 7.57 -6.01
CA THR A 221 35.78 7.00 -6.94
C THR A 221 36.49 5.78 -6.34
N ASP A 222 37.46 5.25 -7.10
CA ASP A 222 38.24 4.10 -6.64
C ASP A 222 39.22 4.47 -5.54
N SER A 223 39.65 5.74 -5.50
CA SER A 223 40.53 6.26 -4.46
C SER A 223 39.80 6.59 -3.16
N ASP A 224 38.47 6.60 -3.18
CA ASP A 224 37.69 6.76 -1.95
C ASP A 224 38.19 5.80 -0.89
N LYS A 225 38.68 6.36 0.22
CA LYS A 225 39.19 5.55 1.31
C LYS A 225 38.10 4.70 1.98
N GLU A 226 36.83 5.04 1.80
CA GLU A 226 35.73 4.20 2.25
C GLU A 226 35.01 3.55 1.07
N HIS A 227 35.76 3.19 0.02
CA HIS A 227 35.16 2.80 -1.25
C HIS A 227 34.18 1.65 -1.10
N TRP A 228 34.39 0.79 -0.11
CA TRP A 228 33.49 -0.36 0.06
C TRP A 228 32.10 0.05 0.52
N LYS A 229 31.95 1.25 1.08
CA LYS A 229 30.65 1.78 1.48
C LYS A 229 29.99 2.63 0.38
N ASN A 230 30.54 2.61 -0.85
CA ASN A 230 30.00 3.35 -1.97
C ASN A 230 28.48 3.25 -2.03
N ILE A 231 27.82 4.40 -2.00
CA ILE A 231 26.37 4.42 -1.86
C ILE A 231 25.65 4.06 -3.16
N HIS A 232 26.22 4.44 -4.32
CA HIS A 232 25.65 3.99 -5.58
C HIS A 232 25.63 2.46 -5.65
N LYS A 233 26.73 1.81 -5.25
CA LYS A 233 26.77 0.36 -5.29
C LYS A 233 25.79 -0.23 -4.28
N GLN A 234 25.64 0.41 -3.12
CA GLN A 234 24.64 -0.06 -2.17
C GLN A 234 23.23 0.00 -2.77
N VAL A 235 22.95 1.00 -3.59
CA VAL A 235 21.62 1.15 -4.16
C VAL A 235 21.34 0.06 -5.19
N ILE A 236 22.33 -0.21 -6.05
CA ILE A 236 22.16 -1.21 -7.10
C ILE A 236 22.15 -2.62 -6.52
N GLN A 237 23.05 -2.90 -5.56
CA GLN A 237 23.06 -4.22 -4.94
C GLN A 237 21.77 -4.50 -4.20
N SER A 238 21.27 -3.51 -3.45
CA SER A 238 20.03 -3.68 -2.68
C SER A 238 18.87 -4.12 -3.57
N ALA A 239 18.67 -3.42 -4.69
CA ALA A 239 17.53 -3.77 -5.53
C ALA A 239 17.72 -5.17 -6.09
N TYR A 240 18.96 -5.53 -6.41
CA TYR A 240 19.25 -6.86 -6.92
C TYR A 240 19.00 -7.91 -5.84
N GLU A 241 19.36 -7.61 -4.59
CA GLU A 241 19.07 -8.55 -3.50
C GLU A 241 17.57 -8.67 -3.26
N ILE A 242 16.85 -7.54 -3.20
CA ILE A 242 15.40 -7.58 -3.08
C ILE A 242 14.78 -8.44 -4.17
N ILE A 243 15.25 -8.30 -5.42
CA ILE A 243 14.66 -9.07 -6.53
C ILE A 243 15.01 -10.56 -6.42
N LYS A 244 16.26 -10.86 -6.04
CA LYS A 244 16.63 -12.22 -5.63
C LYS A 244 15.59 -12.75 -4.67
N LEU A 245 15.34 -12.01 -3.58
CA LEU A 245 14.48 -12.50 -2.50
C LEU A 245 13.02 -12.56 -2.91
N LYS A 246 12.48 -11.45 -3.44
CA LYS A 246 11.05 -11.25 -3.70
C LYS A 246 10.65 -11.54 -5.14
N GLY A 247 11.47 -11.16 -6.11
CA GLY A 247 11.08 -11.13 -7.50
C GLY A 247 10.96 -9.72 -8.06
N TYR A 248 10.65 -8.74 -7.19
CA TYR A 248 10.42 -7.35 -7.60
C TYR A 248 10.65 -6.44 -6.42
N THR A 249 11.18 -5.24 -6.70
CA THR A 249 11.10 -4.11 -5.77
C THR A 249 9.72 -3.48 -5.91
N SER A 250 8.69 -4.25 -5.56
CA SER A 250 7.33 -3.83 -5.92
C SER A 250 6.83 -2.68 -5.03
N TRP A 251 6.97 -2.79 -3.69
CA TRP A 251 6.55 -1.67 -2.85
C TRP A 251 7.31 -0.39 -3.22
N ALA A 252 8.60 -0.52 -3.58
CA ALA A 252 9.42 0.65 -3.82
C ALA A 252 9.06 1.31 -5.14
N ILE A 253 8.90 0.50 -6.19
CA ILE A 253 8.47 1.05 -7.48
C ILE A 253 7.09 1.69 -7.36
N GLY A 254 6.16 1.03 -6.67
CA GLY A 254 4.84 1.64 -6.45
C GLY A 254 4.95 2.99 -5.75
N LEU A 255 5.87 3.08 -4.80
CA LEU A 255 6.14 4.36 -4.16
C LEU A 255 6.72 5.36 -5.16
N SER A 256 7.68 4.94 -5.96
CA SER A 256 8.25 5.83 -6.96
C SER A 256 7.20 6.30 -7.97
N VAL A 257 6.31 5.39 -8.39
CA VAL A 257 5.33 5.79 -9.40
C VAL A 257 4.33 6.78 -8.81
N MET A 258 3.98 6.59 -7.55
CA MET A 258 3.15 7.55 -6.84
C MET A 258 3.83 8.92 -6.72
N ASP A 259 5.16 8.96 -6.54
CA ASP A 259 5.90 10.21 -6.59
C ASP A 259 5.72 10.90 -7.93
N LEU A 260 5.88 10.16 -9.03
CA LEU A 260 5.84 10.77 -10.35
C LEU A 260 4.43 11.26 -10.68
N VAL A 261 3.41 10.43 -10.39
CA VAL A 261 2.02 10.79 -10.64
C VAL A 261 1.65 12.09 -9.92
N GLY A 262 2.06 12.22 -8.66
CA GLY A 262 1.79 13.45 -7.95
C GLY A 262 2.37 14.68 -8.62
N SER A 263 3.52 14.53 -9.27
CA SER A 263 4.09 15.70 -9.94
C SER A 263 3.27 16.08 -11.16
N ILE A 264 2.87 15.09 -11.96
CA ILE A 264 2.13 15.39 -13.17
C ILE A 264 0.76 15.94 -12.82
N LEU A 265 -0.02 15.17 -12.04
CA LEU A 265 -1.41 15.54 -11.76
C LEU A 265 -1.51 16.89 -11.09
N LYS A 266 -0.60 17.20 -10.17
CA LYS A 266 -0.64 18.44 -9.42
C LYS A 266 0.23 19.53 -10.04
N ASN A 267 0.86 19.26 -11.18
CA ASN A 267 1.61 20.28 -11.93
C ASN A 267 2.69 20.92 -11.07
N LEU A 268 3.50 20.08 -10.43
CA LEU A 268 4.44 20.57 -9.44
C LEU A 268 5.73 21.12 -10.03
N ARG A 269 6.08 20.73 -11.26
CA ARG A 269 7.35 21.13 -11.87
C ARG A 269 8.52 20.75 -10.96
N ARG A 270 8.40 19.60 -10.30
CA ARG A 270 9.53 19.00 -9.62
C ARG A 270 10.41 18.28 -10.63
N VAL A 271 11.67 18.12 -10.27
CA VAL A 271 12.67 17.51 -11.15
C VAL A 271 12.82 16.05 -10.78
N HIS A 272 12.56 15.16 -11.74
CA HIS A 272 12.74 13.74 -11.57
C HIS A 272 13.66 13.19 -12.66
N PRO A 273 14.58 12.28 -12.30
CA PRO A 273 15.41 11.61 -13.33
C PRO A 273 14.68 10.43 -13.96
N VAL A 274 13.96 10.69 -15.06
CA VAL A 274 13.08 9.72 -15.70
C VAL A 274 13.56 9.48 -17.13
N SER A 275 13.08 8.38 -17.72
CA SER A 275 13.49 8.00 -19.06
C SER A 275 12.81 8.89 -20.10
N THR A 276 13.60 9.63 -20.86
CA THR A 276 13.06 10.53 -21.86
C THR A 276 13.98 10.50 -23.08
N MET A 277 13.47 11.03 -24.20
CA MET A 277 14.24 11.08 -25.44
C MET A 277 15.47 11.96 -25.25
N VAL A 278 16.65 11.41 -25.49
CA VAL A 278 17.87 12.16 -25.27
C VAL A 278 18.65 12.41 -26.56
N LYS A 279 18.06 12.12 -27.72
CA LYS A 279 18.67 12.51 -28.99
C LYS A 279 18.98 14.00 -29.00
N GLY A 280 20.25 14.35 -29.23
CA GLY A 280 20.64 15.74 -29.31
C GLY A 280 20.87 16.39 -27.98
N LEU A 281 20.89 15.60 -26.92
CA LEU A 281 21.22 16.06 -25.59
C LEU A 281 22.29 15.14 -25.00
N TYR A 282 23.15 15.72 -24.18
CA TYR A 282 24.14 14.96 -23.42
C TYR A 282 25.08 14.17 -24.35
N GLY A 283 25.32 14.67 -25.58
CA GLY A 283 26.21 14.04 -26.53
C GLY A 283 25.64 12.82 -27.23
N ILE A 284 24.34 12.57 -27.12
CA ILE A 284 23.71 11.45 -27.80
C ILE A 284 23.29 11.89 -29.19
N LYS A 285 23.41 11.00 -30.17
CA LYS A 285 23.11 11.36 -31.55
C LYS A 285 21.97 10.58 -32.18
N GLU A 286 21.56 9.45 -31.62
CA GLU A 286 20.44 8.67 -32.13
C GLU A 286 19.22 8.81 -31.23
N GLU A 287 18.06 8.39 -31.76
CA GLU A 287 16.87 8.28 -30.94
C GLU A 287 17.09 7.19 -29.89
N LEU A 288 16.98 7.56 -28.62
CA LEU A 288 16.91 6.57 -27.55
C LEU A 288 16.48 7.28 -26.29
N PHE A 289 15.94 6.49 -25.37
CA PHE A 289 15.49 6.98 -24.08
C PHE A 289 16.53 6.61 -23.03
N LEU A 290 16.93 7.59 -22.22
CA LEU A 290 17.67 7.35 -20.98
C LEU A 290 17.12 8.30 -19.92
N SER A 291 17.44 8.01 -18.66
CA SER A 291 17.06 8.93 -17.59
C SER A 291 17.98 10.14 -17.61
N ILE A 292 17.37 11.32 -17.64
CA ILE A 292 18.02 12.57 -17.28
C ILE A 292 17.04 13.34 -16.40
N PRO A 293 17.50 14.37 -15.70
CA PRO A 293 16.59 15.13 -14.83
C PRO A 293 15.56 15.89 -15.67
N CYS A 294 14.29 15.55 -15.48
CA CYS A 294 13.18 16.20 -16.17
C CYS A 294 12.28 16.95 -15.19
N VAL A 295 11.74 18.06 -15.67
CA VAL A 295 10.71 18.82 -14.97
C VAL A 295 9.34 18.24 -15.34
N LEU A 296 8.66 17.63 -14.37
CA LEU A 296 7.38 16.98 -14.61
C LEU A 296 6.23 17.88 -14.15
N GLY A 297 5.20 17.95 -14.97
CA GLY A 297 4.04 18.76 -14.68
C GLY A 297 2.83 18.23 -15.45
N ARG A 298 1.77 19.02 -15.52
CA ARG A 298 0.49 18.47 -15.97
C ARG A 298 0.49 18.05 -17.44
N ASN A 299 1.41 18.57 -18.25
CA ASN A 299 1.51 18.21 -19.66
C ASN A 299 2.68 17.25 -19.93
N GLY A 300 3.15 16.55 -18.91
CA GLY A 300 4.29 15.67 -19.04
C GLY A 300 5.59 16.42 -18.81
N VAL A 301 6.62 16.04 -19.55
CA VAL A 301 7.95 16.63 -19.41
C VAL A 301 7.92 18.01 -20.06
N SER A 302 7.94 19.05 -19.24
CA SER A 302 7.97 20.39 -19.81
C SER A 302 9.38 20.91 -20.05
N ASP A 303 10.39 20.35 -19.38
CA ASP A 303 11.74 20.86 -19.50
C ASP A 303 12.72 19.74 -19.13
N VAL A 304 13.96 19.89 -19.60
CA VAL A 304 15.03 19.04 -19.10
C VAL A 304 16.15 19.91 -18.56
N VAL A 305 16.87 19.34 -17.60
CA VAL A 305 17.94 20.05 -16.90
C VAL A 305 19.26 19.63 -17.54
N LYS A 306 20.10 20.60 -17.85
CA LYS A 306 21.37 20.37 -18.53
C LYS A 306 22.45 20.37 -17.47
N ILE A 307 23.19 19.27 -17.39
CA ILE A 307 24.22 19.11 -16.38
C ILE A 307 25.53 18.83 -17.10
N ASN A 308 26.59 19.42 -16.60
CA ASN A 308 27.92 19.22 -17.14
C ASN A 308 28.55 18.04 -16.41
N LEU A 309 28.59 16.88 -17.06
CA LEU A 309 29.17 15.69 -16.45
C LEU A 309 30.70 15.73 -16.47
N ASN A 310 31.32 15.30 -15.37
CA ASN A 310 32.75 15.07 -15.43
C ASN A 310 33.05 13.96 -16.44
N SER A 311 34.33 13.80 -16.75
CA SER A 311 34.68 12.91 -17.85
C SER A 311 34.35 11.47 -17.52
N GLU A 312 34.52 11.07 -16.26
CA GLU A 312 34.09 9.73 -15.84
C GLU A 312 32.59 9.56 -16.07
N GLU A 313 31.78 10.54 -15.64
CA GLU A 313 30.33 10.43 -15.76
C GLU A 313 29.89 10.44 -17.23
N GLU A 314 30.53 11.27 -18.05
CA GLU A 314 30.22 11.30 -19.48
C GLU A 314 30.57 9.97 -20.14
N ALA A 315 31.68 9.35 -19.72
CA ALA A 315 32.09 8.08 -20.31
C ALA A 315 31.09 6.96 -20.02
N LEU A 316 30.69 6.79 -18.74
CA LEU A 316 29.68 5.79 -18.41
C LEU A 316 28.37 6.06 -19.14
N PHE A 317 27.94 7.32 -19.14
CA PHE A 317 26.68 7.66 -19.77
C PHE A 317 26.71 7.33 -21.26
N LYS A 318 27.83 7.61 -21.94
CA LYS A 318 27.85 7.38 -23.37
C LYS A 318 28.02 5.92 -23.71
N LYS A 319 28.75 5.18 -22.88
CA LYS A 319 28.83 3.74 -23.08
C LYS A 319 27.45 3.11 -22.99
N SER A 320 26.62 3.58 -22.04
CA SER A 320 25.27 3.06 -21.88
C SER A 320 24.45 3.27 -23.14
N ALA A 321 24.49 4.51 -23.67
CA ALA A 321 23.74 4.82 -24.88
C ALA A 321 24.19 3.93 -26.03
N GLU A 322 25.48 3.65 -26.09
CA GLU A 322 26.00 2.88 -27.21
C GLU A 322 25.43 1.46 -27.19
N THR A 323 25.47 0.80 -26.03
CA THR A 323 24.92 -0.55 -25.92
C THR A 323 23.41 -0.53 -26.14
N LEU A 324 22.73 0.52 -25.70
CA LEU A 324 21.29 0.60 -25.91
C LEU A 324 20.95 0.69 -27.40
N TRP A 325 21.66 1.55 -28.13
CA TRP A 325 21.36 1.71 -29.55
C TRP A 325 21.66 0.43 -30.32
N ASN A 326 22.71 -0.29 -29.94
CA ASN A 326 23.04 -1.54 -30.61
C ASN A 326 22.00 -2.62 -30.39
N ILE A 327 21.24 -2.58 -29.28
CA ILE A 327 20.05 -3.42 -29.16
C ILE A 327 18.93 -2.88 -30.03
N GLN A 328 18.69 -1.57 -29.93
CA GLN A 328 17.53 -0.93 -30.55
C GLN A 328 17.54 -1.06 -32.07
N LYS A 329 18.73 -1.07 -32.69
CA LYS A 329 18.81 -1.16 -34.14
C LYS A 329 18.13 -2.42 -34.66
N ASP A 330 18.18 -3.51 -33.89
CA ASP A 330 17.52 -4.76 -34.25
C ASP A 330 16.08 -4.77 -33.76
N ALA B 2 32.37 9.65 2.98
CA ALA B 2 31.18 10.10 3.72
C ALA B 2 31.45 10.23 5.23
N SER B 3 32.23 9.31 5.82
CA SER B 3 32.67 9.51 7.19
C SER B 3 33.52 10.79 7.31
N THR B 4 34.41 11.04 6.36
CA THR B 4 35.15 12.29 6.42
C THR B 4 34.28 13.47 6.02
N VAL B 5 33.28 13.25 5.17
CA VAL B 5 32.37 14.33 4.78
C VAL B 5 31.55 14.79 5.98
N LYS B 6 31.05 13.85 6.77
CA LYS B 6 30.24 14.24 7.93
C LYS B 6 31.05 15.07 8.93
N GLU B 7 32.33 14.73 9.12
CA GLU B 7 33.17 15.44 10.09
C GLU B 7 33.38 16.89 9.66
N GLN B 8 33.50 17.14 8.36
CA GLN B 8 33.73 18.49 7.86
C GLN B 8 32.46 19.30 7.70
N LEU B 9 31.31 18.64 7.58
CA LEU B 9 30.04 19.29 7.30
C LEU B 9 29.17 19.45 8.54
N ILE B 10 29.15 18.47 9.43
CA ILE B 10 28.23 18.45 10.56
C ILE B 10 29.03 18.62 11.84
N GLU B 11 28.52 19.45 12.74
CA GLU B 11 29.11 19.62 14.06
C GLU B 11 28.04 19.26 15.08
N LYS B 12 28.30 18.22 15.87
CA LYS B 12 27.29 17.68 16.76
C LYS B 12 27.10 18.59 17.98
N LEU B 13 25.85 18.78 18.38
CA LEU B 13 25.59 19.34 19.69
C LEU B 13 24.97 18.35 20.65
N ILE B 14 24.32 17.31 20.12
CA ILE B 14 23.57 16.34 20.91
C ILE B 14 23.81 14.95 20.33
N GLU B 15 24.09 13.99 21.20
CA GLU B 15 24.20 12.60 20.78
C GLU B 15 22.89 12.12 20.17
N ASP B 16 23.01 11.32 19.09
CA ASP B 16 21.86 10.73 18.41
C ASP B 16 21.04 9.87 19.37
N ASP B 17 19.78 10.22 19.60
CA ASP B 17 18.90 9.32 20.33
C ASP B 17 18.16 8.44 19.33
N GLU B 18 18.48 7.15 19.33
CA GLU B 18 17.82 6.18 18.47
C GLU B 18 16.57 5.59 19.12
N ASN B 19 15.85 6.38 19.92
CA ASN B 19 14.62 5.94 20.55
C ASN B 19 13.42 6.30 19.67
N SER B 20 12.53 5.35 19.45
CA SER B 20 11.31 5.59 18.69
C SER B 20 10.16 5.82 19.67
N GLN B 21 9.46 6.93 19.51
CA GLN B 21 8.33 7.27 20.37
C GLN B 21 6.98 6.86 19.80
N CYS B 22 6.97 6.19 18.65
CA CYS B 22 5.71 5.84 18.01
C CYS B 22 5.93 4.60 17.17
N LYS B 23 6.42 3.54 17.81
CA LYS B 23 6.81 2.32 17.13
C LYS B 23 5.62 1.39 16.93
N ILE B 24 5.62 0.67 15.82
CA ILE B 24 4.62 -0.32 15.51
C ILE B 24 5.34 -1.58 15.06
N THR B 25 4.85 -2.73 15.50
CA THR B 25 5.37 -3.99 15.03
C THR B 25 4.24 -4.71 14.31
N ILE B 26 4.59 -5.34 13.20
CA ILE B 26 3.69 -6.21 12.46
C ILE B 26 4.27 -7.62 12.50
N VAL B 27 3.48 -8.56 13.02
CA VAL B 27 3.90 -9.96 13.10
C VAL B 27 3.24 -10.70 11.96
N GLY B 28 4.04 -11.25 11.05
CA GLY B 28 3.53 -11.86 9.84
C GLY B 28 3.73 -10.96 8.65
N THR B 29 4.54 -11.39 7.69
CA THR B 29 4.80 -10.59 6.50
C THR B 29 4.33 -11.32 5.25
N GLY B 30 3.16 -11.94 5.35
CA GLY B 30 2.41 -12.37 4.19
C GLY B 30 1.61 -11.20 3.64
N ALA B 31 0.59 -11.54 2.85
CA ALA B 31 -0.12 -10.50 2.11
C ALA B 31 -0.82 -9.53 3.04
N VAL B 32 -1.40 -10.04 4.14
CA VAL B 32 -2.13 -9.18 5.07
C VAL B 32 -1.18 -8.27 5.83
N GLY B 33 -0.08 -8.84 6.35
CA GLY B 33 0.87 -8.01 7.07
C GLY B 33 1.43 -6.88 6.24
N MET B 34 1.81 -7.17 5.00
CA MET B 34 2.47 -6.12 4.21
C MET B 34 1.48 -5.09 3.74
N ALA B 35 0.24 -5.49 3.46
CA ALA B 35 -0.79 -4.51 3.13
C ALA B 35 -1.03 -3.56 4.30
N CYS B 36 -1.00 -4.09 5.53
CA CYS B 36 -0.99 -3.23 6.74
C CYS B 36 0.23 -2.33 6.78
N ALA B 37 1.40 -2.86 6.40
CA ALA B 37 2.62 -2.06 6.44
C ALA B 37 2.51 -0.88 5.50
N ILE B 38 2.23 -1.15 4.23
CA ILE B 38 2.20 -0.08 3.23
C ILE B 38 1.13 0.96 3.55
N SER B 39 -0.03 0.52 4.10
CA SER B 39 -1.09 1.47 4.46
C SER B 39 -0.66 2.38 5.60
N ILE B 40 -0.05 1.82 6.64
CA ILE B 40 0.43 2.60 7.77
C ILE B 40 1.51 3.57 7.33
N LEU B 41 2.44 3.11 6.49
CA LEU B 41 3.53 3.96 6.05
C LEU B 41 3.03 5.12 5.20
N LEU B 42 2.05 4.86 4.35
CA LEU B 42 1.58 5.94 3.50
C LEU B 42 0.70 6.94 4.24
N LYS B 43 0.39 6.70 5.52
CA LYS B 43 -0.46 7.57 6.30
C LYS B 43 0.28 8.28 7.43
N ASP B 44 1.61 8.20 7.46
CA ASP B 44 2.41 8.98 8.41
C ASP B 44 2.00 8.68 9.85
N LEU B 45 1.96 7.40 10.20
CA LEU B 45 1.49 7.04 11.52
C LEU B 45 2.62 6.65 12.48
N ALA B 46 3.65 5.97 12.01
CA ALA B 46 4.64 5.37 12.87
C ALA B 46 5.99 6.09 12.77
N ASP B 47 6.68 6.19 13.94
CA ASP B 47 8.10 6.51 13.98
C ASP B 47 8.92 5.43 13.31
N GLU B 48 8.66 4.19 13.69
CA GLU B 48 9.41 3.04 13.25
C GLU B 48 8.42 1.94 12.96
N LEU B 49 8.73 1.11 11.97
CA LEU B 49 7.95 -0.07 11.65
C LEU B 49 8.89 -1.26 11.73
N ALA B 50 8.66 -2.13 12.71
CA ALA B 50 9.42 -3.36 12.88
C ALA B 50 8.59 -4.50 12.33
N LEU B 51 9.24 -5.42 11.62
CA LEU B 51 8.58 -6.56 11.00
C LEU B 51 9.15 -7.86 11.59
N VAL B 52 8.27 -8.77 12.01
CA VAL B 52 8.68 -10.06 12.53
C VAL B 52 8.06 -11.16 11.68
N ASP B 53 8.85 -12.17 11.33
CA ASP B 53 8.38 -13.36 10.64
C ASP B 53 9.43 -14.46 10.84
N VAL B 54 9.03 -15.71 10.56
CA VAL B 54 9.94 -16.85 10.70
C VAL B 54 10.76 -17.11 9.44
N ALA B 55 10.26 -16.72 8.26
CA ALA B 55 10.92 -17.03 7.00
C ALA B 55 11.94 -15.94 6.65
N GLU B 56 13.22 -16.33 6.60
CA GLU B 56 14.34 -15.38 6.48
C GLU B 56 14.30 -14.59 5.17
N ASP B 57 14.13 -15.27 4.04
CA ASP B 57 14.11 -14.59 2.74
C ASP B 57 12.97 -13.59 2.65
N LYS B 58 11.74 -14.06 2.81
CA LYS B 58 10.58 -13.20 2.75
C LYS B 58 10.72 -12.00 3.70
N LEU B 59 11.15 -12.25 4.94
CA LEU B 59 11.29 -11.16 5.89
C LEU B 59 12.31 -10.13 5.39
N LYS B 60 13.49 -10.60 4.97
CA LYS B 60 14.50 -9.64 4.54
C LYS B 60 14.08 -8.96 3.23
N GLY B 61 13.50 -9.72 2.31
CA GLY B 61 13.04 -9.15 1.06
C GLY B 61 12.08 -8.00 1.27
N GLU B 62 11.08 -8.21 2.12
CA GLU B 62 10.06 -7.19 2.33
C GLU B 62 10.62 -5.96 3.03
N MET B 63 11.41 -6.16 4.09
CA MET B 63 12.00 -5.04 4.79
C MET B 63 12.83 -4.18 3.85
N MET B 64 13.66 -4.82 3.02
CA MET B 64 14.54 -4.09 2.10
C MET B 64 13.74 -3.41 1.01
N ASP B 65 12.68 -4.08 0.51
CA ASP B 65 11.80 -3.45 -0.46
C ASP B 65 11.25 -2.12 0.08
N LEU B 66 10.74 -2.13 1.31
CA LEU B 66 10.22 -0.91 1.91
C LEU B 66 11.34 0.11 2.10
N GLN B 67 12.52 -0.37 2.50
CA GLN B 67 13.65 0.53 2.76
C GLN B 67 14.12 1.19 1.48
N HIS B 68 14.09 0.46 0.37
CA HIS B 68 14.59 1.00 -0.89
C HIS B 68 13.75 2.18 -1.34
N GLY B 69 12.50 2.26 -0.88
CA GLY B 69 11.61 3.35 -1.24
C GLY B 69 11.28 4.27 -0.08
N SER B 70 12.12 4.29 0.95
CA SER B 70 11.82 5.04 2.17
C SER B 70 11.85 6.56 2.01
N LEU B 71 12.39 7.08 0.91
CA LEU B 71 12.29 8.51 0.69
C LEU B 71 10.84 8.95 0.55
N PHE B 72 9.94 8.03 0.21
CA PHE B 72 8.57 8.37 -0.20
C PHE B 72 7.55 8.18 0.91
N PHE B 73 7.97 7.78 2.10
CA PHE B 73 7.09 7.78 3.26
C PHE B 73 7.83 8.46 4.42
N SER B 74 7.10 8.80 5.48
CA SER B 74 7.70 9.62 6.54
C SER B 74 8.29 8.79 7.69
N THR B 75 7.78 7.59 7.93
CA THR B 75 8.46 6.66 8.82
C THR B 75 9.93 6.55 8.43
N SER B 76 10.82 6.63 9.43
CA SER B 76 12.23 6.79 9.14
C SER B 76 13.05 5.54 9.40
N LYS B 77 12.57 4.62 10.22
CA LYS B 77 13.30 3.40 10.51
C LYS B 77 12.41 2.20 10.15
N ILE B 78 12.93 1.32 9.32
CA ILE B 78 12.30 0.03 9.07
C ILE B 78 13.26 -1.02 9.61
N THR B 79 12.75 -1.84 10.53
CA THR B 79 13.53 -2.88 11.17
C THR B 79 12.82 -4.22 11.03
N SER B 80 13.58 -5.29 11.06
CA SER B 80 12.98 -6.60 10.97
C SER B 80 13.84 -7.61 11.72
N GLY B 81 13.21 -8.71 12.10
CA GLY B 81 13.94 -9.75 12.78
C GLY B 81 13.05 -10.94 13.08
N LYS B 82 13.71 -12.09 13.22
CA LYS B 82 13.08 -13.29 13.76
C LYS B 82 12.94 -13.20 15.27
N ASP B 83 13.93 -12.63 15.95
CA ASP B 83 13.90 -12.46 17.40
C ASP B 83 12.94 -11.34 17.77
N TYR B 84 12.04 -11.62 18.73
CA TYR B 84 11.04 -10.64 19.13
C TYR B 84 11.64 -9.46 19.87
N SER B 85 12.95 -9.48 20.13
CA SER B 85 13.61 -8.30 20.65
C SER B 85 13.43 -7.09 19.72
N VAL B 86 13.31 -7.30 18.41
CA VAL B 86 13.20 -6.15 17.51
C VAL B 86 11.89 -5.39 17.72
N SER B 87 10.91 -6.00 18.37
CA SER B 87 9.60 -5.39 18.60
C SER B 87 9.53 -4.57 19.87
N ALA B 88 10.63 -4.47 20.62
CA ALA B 88 10.56 -3.91 21.96
C ALA B 88 10.11 -2.46 21.94
N ASN B 89 9.27 -2.09 22.91
CA ASN B 89 8.77 -0.73 23.05
C ASN B 89 7.85 -0.31 21.91
N SER B 90 7.08 -1.25 21.35
CA SER B 90 6.07 -0.89 20.39
C SER B 90 4.87 -0.26 21.09
N ARG B 91 4.21 0.67 20.40
CA ARG B 91 2.93 1.15 20.87
C ARG B 91 1.83 0.14 20.54
N ILE B 92 1.85 -0.39 19.33
CA ILE B 92 0.88 -1.37 18.87
C ILE B 92 1.66 -2.54 18.30
N VAL B 93 1.22 -3.74 18.60
CA VAL B 93 1.71 -4.92 17.91
C VAL B 93 0.52 -5.54 17.18
N ILE B 94 0.71 -5.77 15.90
CA ILE B 94 -0.32 -6.18 14.96
C ILE B 94 -0.03 -7.62 14.59
N VAL B 95 -0.91 -8.53 15.01
CA VAL B 95 -0.68 -9.95 14.80
C VAL B 95 -1.49 -10.39 13.59
N THR B 96 -0.78 -10.73 12.52
CA THR B 96 -1.36 -11.28 11.32
C THR B 96 -0.94 -12.71 11.12
N ALA B 97 -0.07 -13.21 11.99
CA ALA B 97 0.33 -14.62 11.97
C ALA B 97 -0.87 -15.50 12.31
N GLY B 98 -0.97 -16.62 11.62
CA GLY B 98 -2.15 -17.47 11.76
C GLY B 98 -2.07 -18.66 10.83
N ALA B 99 -2.58 -19.80 11.28
CA ALA B 99 -2.59 -20.97 10.43
C ALA B 99 -3.69 -20.85 9.38
N ARG B 100 -3.45 -21.44 8.21
CA ARG B 100 -4.43 -21.49 7.15
C ARG B 100 -5.13 -22.85 7.17
N GLN B 101 -6.46 -22.82 7.00
CA GLN B 101 -7.27 -24.02 7.11
C GLN B 101 -7.07 -24.90 5.88
N GLN B 102 -6.59 -26.12 6.10
CA GLN B 102 -6.30 -27.03 5.01
C GLN B 102 -7.58 -27.72 4.54
N GLU B 103 -7.48 -28.35 3.36
CA GLU B 103 -8.59 -29.14 2.83
C GLU B 103 -8.98 -30.23 3.81
N GLY B 104 -10.20 -30.14 4.31
CA GLY B 104 -10.67 -31.11 5.27
C GLY B 104 -10.18 -30.90 6.68
N GLU B 105 -9.40 -29.86 6.93
CA GLU B 105 -9.04 -29.54 8.29
C GLU B 105 -10.24 -29.05 9.06
N THR B 106 -10.40 -29.59 10.26
CA THR B 106 -11.37 -29.13 11.23
C THR B 106 -11.22 -27.63 11.52
N ARG B 107 -12.35 -26.95 11.70
CA ARG B 107 -12.31 -25.61 12.28
C ARG B 107 -11.71 -25.64 13.69
N LEU B 108 -12.17 -26.60 14.50
CA LEU B 108 -11.66 -26.75 15.86
C LEU B 108 -10.15 -27.00 15.86
N ALA B 109 -9.67 -27.85 14.94
CA ALA B 109 -8.24 -28.14 14.90
C ALA B 109 -7.44 -26.95 14.40
N LEU B 110 -8.02 -26.14 13.52
CA LEU B 110 -7.34 -24.93 13.08
C LEU B 110 -7.14 -23.96 14.24
N VAL B 111 -8.20 -23.69 14.98
CA VAL B 111 -8.10 -22.83 16.15
C VAL B 111 -7.05 -23.38 17.13
N GLN B 112 -6.97 -24.71 17.23
CA GLN B 112 -6.01 -25.32 18.13
C GLN B 112 -4.58 -25.14 17.63
N ARG B 113 -4.35 -25.30 16.32
CA ARG B 113 -3.05 -24.90 15.77
C ARG B 113 -2.76 -23.44 16.08
N ASN B 114 -3.77 -22.55 15.93
CA ASN B 114 -3.55 -21.15 16.26
C ASN B 114 -3.25 -20.95 17.74
N VAL B 115 -3.87 -21.74 18.63
CA VAL B 115 -3.53 -21.68 20.05
C VAL B 115 -2.04 -21.92 20.25
N ALA B 116 -1.49 -22.90 19.54
CA ALA B 116 -0.07 -23.21 19.70
C ALA B 116 0.81 -22.07 19.18
N ILE B 117 0.47 -21.53 18.02
CA ILE B 117 1.20 -20.36 17.51
C ILE B 117 1.16 -19.23 18.52
N MET B 118 -0.04 -18.84 18.95
CA MET B 118 -0.13 -17.71 19.86
C MET B 118 0.62 -17.95 21.16
N LYS B 119 0.66 -19.21 21.64
CA LYS B 119 1.43 -19.53 22.85
C LYS B 119 2.92 -19.33 22.65
N SER B 120 3.37 -19.32 21.41
CA SER B 120 4.78 -19.13 21.11
C SER B 120 5.18 -17.66 20.98
N ILE B 121 4.32 -16.80 20.44
CA ILE B 121 4.70 -15.43 20.13
C ILE B 121 4.17 -14.42 21.15
N ILE B 122 2.95 -14.61 21.67
CA ILE B 122 2.33 -13.58 22.51
C ILE B 122 3.12 -13.32 23.78
N PRO B 123 3.70 -14.32 24.46
CA PRO B 123 4.51 -13.97 25.66
C PRO B 123 5.73 -13.10 25.33
N ALA B 124 6.45 -13.42 24.26
CA ALA B 124 7.59 -12.60 23.86
C ALA B 124 7.16 -11.16 23.58
N ILE B 125 6.11 -11.00 22.76
CA ILE B 125 5.57 -9.67 22.45
C ILE B 125 5.33 -8.88 23.74
N VAL B 126 4.63 -9.48 24.69
CA VAL B 126 4.28 -8.77 25.93
C VAL B 126 5.52 -8.49 26.77
N HIS B 127 6.50 -9.40 26.74
CA HIS B 127 7.73 -9.17 27.48
C HIS B 127 8.46 -7.94 26.94
N TYR B 128 8.57 -7.84 25.62
CA TYR B 128 9.32 -6.73 25.04
C TYR B 128 8.51 -5.44 24.95
N SER B 129 7.19 -5.49 24.94
CA SER B 129 6.37 -4.28 24.91
C SER B 129 5.30 -4.35 25.99
N PRO B 130 5.67 -4.17 27.26
CA PRO B 130 4.69 -4.35 28.35
C PRO B 130 3.50 -3.42 28.27
N ASP B 131 3.61 -2.28 27.59
CA ASP B 131 2.54 -1.29 27.55
C ASP B 131 1.87 -1.21 26.20
N CYS B 132 2.20 -2.11 25.28
CA CYS B 132 1.60 -2.09 23.95
C CYS B 132 0.11 -2.39 24.02
N LYS B 133 -0.59 -2.02 22.95
CA LYS B 133 -1.88 -2.59 22.61
C LYS B 133 -1.65 -3.64 21.53
N ILE B 134 -2.35 -4.75 21.64
CA ILE B 134 -2.25 -5.82 20.65
C ILE B 134 -3.48 -5.78 19.76
N LEU B 135 -3.24 -5.69 18.46
CA LEU B 135 -4.30 -5.66 17.46
C LEU B 135 -4.27 -6.98 16.71
N VAL B 136 -5.26 -7.82 16.95
CA VAL B 136 -5.28 -9.15 16.37
C VAL B 136 -6.07 -9.09 15.07
N VAL B 137 -5.47 -9.58 13.99
CA VAL B 137 -6.06 -9.50 12.66
C VAL B 137 -6.33 -10.86 12.05
N SER B 138 -5.67 -11.93 12.49
CA SER B 138 -5.87 -13.22 11.84
C SER B 138 -7.28 -13.77 12.04
N ASN B 139 -7.67 -14.69 11.14
CA ASN B 139 -8.94 -15.38 11.22
C ASN B 139 -8.81 -16.73 11.92
N PRO B 140 -9.86 -17.18 12.64
CA PRO B 140 -11.13 -16.48 12.94
C PRO B 140 -10.85 -15.49 14.04
N VAL B 141 -11.15 -14.21 13.78
CA VAL B 141 -10.59 -13.14 14.59
C VAL B 141 -11.19 -13.15 16.00
N ASP B 142 -12.49 -13.45 16.11
CA ASP B 142 -13.14 -13.36 17.42
C ASP B 142 -12.54 -14.37 18.40
N ILE B 143 -12.43 -15.63 17.98
CA ILE B 143 -11.82 -16.62 18.88
C ILE B 143 -10.34 -16.32 19.09
N LEU B 144 -9.64 -15.90 18.03
CA LEU B 144 -8.20 -15.67 18.14
C LEU B 144 -7.88 -14.52 19.08
N THR B 145 -8.70 -13.46 19.06
CA THR B 145 -8.43 -12.35 19.96
C THR B 145 -8.62 -12.77 21.41
N TYR B 146 -9.64 -13.59 21.68
CA TYR B 146 -9.81 -14.15 23.01
C TYR B 146 -8.57 -14.96 23.44
N ILE B 147 -8.04 -15.79 22.53
CA ILE B 147 -6.87 -16.58 22.87
C ILE B 147 -5.66 -15.69 23.14
N VAL B 148 -5.46 -14.68 22.31
CA VAL B 148 -4.32 -13.78 22.48
C VAL B 148 -4.43 -13.06 23.82
N TRP B 149 -5.61 -12.54 24.12
CA TRP B 149 -5.81 -11.86 25.40
C TRP B 149 -5.49 -12.80 26.56
N LYS B 150 -6.15 -13.97 26.59
CA LYS B 150 -5.92 -14.93 27.67
C LYS B 150 -4.44 -15.25 27.85
N ILE B 151 -3.72 -15.48 26.75
CA ILE B 151 -2.28 -15.76 26.86
C ILE B 151 -1.54 -14.51 27.31
N SER B 152 -1.97 -13.33 26.87
CA SER B 152 -1.21 -12.11 27.10
C SER B 152 -1.11 -11.78 28.58
N GLY B 153 -2.16 -12.06 29.35
CA GLY B 153 -2.18 -11.59 30.73
C GLY B 153 -2.30 -10.08 30.84
N LEU B 154 -2.61 -9.39 29.72
CA LEU B 154 -2.80 -7.95 29.57
C LEU B 154 -4.23 -7.55 29.93
N PRO B 155 -4.44 -6.29 30.32
CA PRO B 155 -5.81 -5.80 30.54
C PRO B 155 -6.68 -5.95 29.30
N VAL B 156 -7.95 -6.26 29.51
CA VAL B 156 -8.80 -6.62 28.39
C VAL B 156 -8.95 -5.46 27.41
N THR B 157 -8.94 -4.23 27.92
CA THR B 157 -9.08 -3.08 27.05
C THR B 157 -7.95 -2.95 26.03
N ARG B 158 -6.86 -3.70 26.21
CA ARG B 158 -5.64 -3.54 25.43
C ARG B 158 -5.46 -4.59 24.35
N VAL B 159 -6.33 -5.58 24.28
CA VAL B 159 -6.23 -6.63 23.28
C VAL B 159 -7.50 -6.55 22.43
N ILE B 160 -7.32 -6.26 21.14
CA ILE B 160 -8.41 -5.84 20.26
C ILE B 160 -8.29 -6.63 18.96
N GLY B 161 -9.42 -7.15 18.49
CA GLY B 161 -9.50 -7.77 17.19
C GLY B 161 -10.08 -6.83 16.16
N SER B 162 -9.55 -6.92 14.93
CA SER B 162 -10.03 -6.08 13.83
C SER B 162 -11.54 -6.22 13.64
N GLY B 163 -12.09 -7.39 13.97
CA GLY B 163 -13.52 -7.56 14.10
C GLY B 163 -14.30 -7.16 12.88
N CYS B 164 -15.33 -6.36 13.09
CA CYS B 164 -16.25 -5.99 12.02
C CYS B 164 -15.96 -4.60 11.46
N ASN B 165 -14.82 -4.02 11.81
CA ASN B 165 -14.55 -2.63 11.40
C ASN B 165 -14.59 -2.49 9.89
N LEU B 166 -13.97 -3.44 9.18
CA LEU B 166 -13.95 -3.40 7.72
C LEU B 166 -15.34 -3.63 7.12
N ASP B 167 -16.11 -4.58 7.65
CA ASP B 167 -17.42 -4.83 7.07
C ASP B 167 -18.39 -3.69 7.35
N SER B 168 -18.41 -3.15 8.57
CA SER B 168 -19.24 -1.97 8.82
C SER B 168 -18.86 -0.82 7.91
N ALA B 169 -17.55 -0.59 7.71
CA ALA B 169 -17.16 0.50 6.82
C ALA B 169 -17.71 0.30 5.42
N ARG B 170 -17.61 -0.91 4.88
CA ARG B 170 -18.17 -1.20 3.57
C ARG B 170 -19.70 -1.11 3.59
N PHE B 171 -20.31 -1.46 4.71
CA PHE B 171 -21.76 -1.37 4.87
C PHE B 171 -22.22 0.08 4.73
N ARG B 172 -21.63 0.98 5.51
CA ARG B 172 -21.91 2.41 5.41
C ARG B 172 -21.61 2.94 4.02
N TYR B 173 -20.48 2.54 3.45
CA TYR B 173 -20.10 3.08 2.14
C TYR B 173 -21.14 2.75 1.09
N LEU B 174 -21.63 1.51 1.09
CA LEU B 174 -22.62 1.10 0.10
C LEU B 174 -23.97 1.76 0.37
N ILE B 175 -24.31 1.95 1.64
CA ILE B 175 -25.51 2.71 1.97
C ILE B 175 -25.39 4.13 1.43
N GLY B 176 -24.20 4.72 1.55
CA GLY B 176 -23.96 6.02 0.96
C GLY B 176 -24.07 6.00 -0.56
N GLU B 177 -23.46 4.98 -1.19
CA GLU B 177 -23.53 4.86 -2.64
C GLU B 177 -24.98 4.88 -3.11
N LYS B 178 -25.81 3.96 -2.58
CA LYS B 178 -27.20 3.84 -3.03
C LYS B 178 -27.95 5.15 -2.92
N LEU B 179 -27.61 5.96 -1.93
CA LEU B 179 -28.28 7.23 -1.69
C LEU B 179 -27.58 8.41 -2.34
N GLY B 180 -26.39 8.22 -2.93
CA GLY B 180 -25.72 9.32 -3.60
C GLY B 180 -25.11 10.36 -2.67
N VAL B 181 -24.70 9.95 -1.47
CA VAL B 181 -24.20 10.83 -0.45
C VAL B 181 -22.84 10.33 0.04
N HIS B 182 -21.96 11.26 0.39
CA HIS B 182 -20.67 10.90 0.95
C HIS B 182 -20.87 10.00 2.16
N PRO B 183 -20.05 8.96 2.32
CA PRO B 183 -20.27 8.03 3.44
C PRO B 183 -20.08 8.64 4.80
N THR B 184 -19.32 9.74 4.93
CA THR B 184 -19.25 10.41 6.23
C THR B 184 -20.59 10.96 6.68
N SER B 185 -21.61 10.95 5.81
CA SER B 185 -22.95 11.33 6.22
C SER B 185 -23.79 10.14 6.72
N CYS B 186 -23.29 8.92 6.60
CA CYS B 186 -24.04 7.72 6.95
C CYS B 186 -23.53 7.15 8.27
N HIS B 187 -24.48 6.78 9.16
CA HIS B 187 -24.18 5.98 10.33
C HIS B 187 -24.80 4.59 10.15
N GLY B 188 -24.02 3.55 10.41
CA GLY B 188 -24.53 2.19 10.31
C GLY B 188 -23.54 1.16 10.83
N TRP B 189 -23.95 0.30 11.76
CA TRP B 189 -23.08 -0.70 12.35
C TRP B 189 -23.44 -2.11 11.92
N ILE B 190 -22.41 -2.91 11.64
CA ILE B 190 -22.46 -4.37 11.62
C ILE B 190 -21.68 -4.84 12.84
N ILE B 191 -22.30 -5.65 13.69
CA ILE B 191 -21.61 -6.07 14.92
C ILE B 191 -21.58 -7.60 15.04
N GLY B 192 -21.09 -8.09 16.19
CA GLY B 192 -21.16 -9.51 16.51
C GLY B 192 -20.00 -10.36 16.03
N GLU B 193 -20.30 -11.57 15.59
CA GLU B 193 -19.28 -12.45 15.07
C GLU B 193 -18.86 -12.00 13.67
N HIS B 194 -17.56 -12.07 13.38
CA HIS B 194 -17.06 -11.62 12.09
C HIS B 194 -17.44 -12.60 11.00
N GLY B 195 -17.92 -12.08 9.87
CA GLY B 195 -18.24 -12.90 8.73
C GLY B 195 -19.72 -13.21 8.62
N ASP B 196 -20.02 -14.49 8.39
CA ASP B 196 -21.36 -14.90 7.95
C ASP B 196 -22.47 -14.51 8.93
N SER B 197 -22.17 -14.45 10.22
CA SER B 197 -23.20 -14.32 11.24
C SER B 197 -23.18 -12.96 11.90
N SER B 198 -22.44 -12.01 11.35
CA SER B 198 -22.48 -10.65 11.86
C SER B 198 -23.91 -10.10 11.74
N VAL B 199 -24.26 -9.25 12.69
CA VAL B 199 -25.59 -8.65 12.78
C VAL B 199 -25.53 -7.24 12.20
N PRO B 200 -26.30 -6.91 11.17
CA PRO B 200 -26.42 -5.50 10.75
C PRO B 200 -27.48 -4.79 11.58
N LEU B 201 -27.16 -3.59 12.09
CA LEU B 201 -28.10 -2.86 12.94
C LEU B 201 -28.92 -1.90 12.09
N TRP B 202 -29.82 -2.49 11.30
CA TRP B 202 -30.75 -1.70 10.49
C TRP B 202 -31.56 -0.76 11.35
N SER B 203 -31.82 -1.14 12.60
CA SER B 203 -32.60 -0.31 13.50
C SER B 203 -31.96 1.06 13.71
N GLY B 204 -30.63 1.12 13.67
CA GLY B 204 -29.91 2.35 13.91
C GLY B 204 -29.28 2.99 12.70
N VAL B 205 -29.59 2.52 11.49
CA VAL B 205 -28.98 3.09 10.30
C VAL B 205 -29.63 4.43 9.99
N ASN B 206 -28.82 5.48 9.96
CA ASN B 206 -29.35 6.79 9.60
C ASN B 206 -28.35 7.54 8.72
N VAL B 207 -28.91 8.39 7.88
CA VAL B 207 -28.17 9.22 6.94
C VAL B 207 -28.58 10.66 7.22
N ALA B 208 -27.60 11.50 7.58
CA ALA B 208 -27.82 12.93 7.78
C ALA B 208 -28.86 13.20 8.87
N GLY B 209 -28.76 12.44 9.96
CA GLY B 209 -29.72 12.57 11.04
C GLY B 209 -31.13 12.16 10.71
N VAL B 210 -31.31 11.17 9.85
CA VAL B 210 -32.62 10.60 9.52
C VAL B 210 -32.49 9.10 9.63
N ALA B 211 -33.05 8.52 10.69
CA ALA B 211 -33.16 7.07 10.80
C ALA B 211 -33.94 6.51 9.63
N LEU B 212 -33.33 5.60 8.88
CA LEU B 212 -33.98 5.12 7.67
C LEU B 212 -35.14 4.18 7.97
N LYS B 213 -35.27 3.69 9.20
CA LYS B 213 -36.44 2.90 9.57
C LYS B 213 -37.68 3.77 9.66
N THR B 214 -37.49 5.05 9.99
CA THR B 214 -38.57 6.02 10.00
C THR B 214 -39.15 6.25 8.60
N LEU B 215 -38.35 6.03 7.56
CA LEU B 215 -38.82 6.24 6.20
C LEU B 215 -39.36 4.98 5.55
N ASP B 216 -38.95 3.80 6.02
CA ASP B 216 -39.41 2.51 5.54
C ASP B 216 -39.21 1.50 6.66
N PRO B 217 -40.24 1.23 7.47
CA PRO B 217 -40.04 0.39 8.65
C PRO B 217 -39.73 -1.06 8.32
N LYS B 218 -39.94 -1.50 7.09
CA LYS B 218 -39.58 -2.83 6.66
C LYS B 218 -38.14 -2.92 6.16
N LEU B 219 -37.33 -1.89 6.42
CA LEU B 219 -35.95 -1.89 5.93
C LEU B 219 -35.14 -3.00 6.57
N GLY B 220 -34.33 -3.68 5.75
CA GLY B 220 -33.49 -4.76 6.21
C GLY B 220 -34.18 -6.08 6.51
N THR B 221 -35.50 -6.14 6.43
CA THR B 221 -36.24 -7.37 6.60
C THR B 221 -36.42 -8.07 5.25
N ASP B 222 -37.10 -9.22 5.28
CA ASP B 222 -37.42 -9.96 4.06
C ASP B 222 -38.58 -9.34 3.32
N SER B 223 -39.53 -8.76 4.06
CA SER B 223 -40.67 -8.07 3.46
C SER B 223 -40.29 -6.71 2.88
N ASP B 224 -39.01 -6.36 2.89
CA ASP B 224 -38.54 -5.14 2.24
C ASP B 224 -38.71 -5.25 0.73
N LYS B 225 -39.48 -4.33 0.15
CA LYS B 225 -39.64 -4.28 -1.30
C LYS B 225 -38.31 -3.96 -1.99
N GLU B 226 -37.59 -2.96 -1.46
CA GLU B 226 -36.31 -2.59 -2.05
C GLU B 226 -35.21 -3.60 -1.73
N HIS B 227 -35.40 -4.42 -0.71
CA HIS B 227 -34.40 -5.41 -0.31
C HIS B 227 -33.06 -4.73 -0.01
N TRP B 228 -33.12 -3.70 0.84
CA TRP B 228 -31.90 -3.20 1.47
C TRP B 228 -31.16 -4.32 2.19
N LYS B 229 -31.87 -5.38 2.58
CA LYS B 229 -31.23 -6.57 3.12
C LYS B 229 -30.06 -7.01 2.26
N ASN B 230 -30.13 -6.78 0.95
CA ASN B 230 -29.07 -7.18 0.04
C ASN B 230 -27.73 -6.58 0.41
N ILE B 231 -27.72 -5.43 1.09
CA ILE B 231 -26.45 -4.72 1.30
C ILE B 231 -25.58 -5.47 2.32
N HIS B 232 -26.19 -5.99 3.39
CA HIS B 232 -25.42 -6.83 4.29
C HIS B 232 -24.94 -8.10 3.57
N LYS B 233 -25.84 -8.76 2.86
CA LYS B 233 -25.45 -9.94 2.10
C LYS B 233 -24.33 -9.61 1.12
N GLN B 234 -24.49 -8.52 0.36
CA GLN B 234 -23.47 -8.12 -0.60
C GLN B 234 -22.13 -7.89 0.08
N VAL B 235 -22.14 -7.30 1.28
CA VAL B 235 -20.90 -7.12 2.03
C VAL B 235 -20.29 -8.47 2.37
N ILE B 236 -21.09 -9.35 2.99
CA ILE B 236 -20.59 -10.67 3.40
C ILE B 236 -20.16 -11.48 2.17
N GLN B 237 -20.91 -11.38 1.07
CA GLN B 237 -20.59 -12.18 -0.12
C GLN B 237 -19.29 -11.71 -0.77
N SER B 238 -19.09 -10.40 -0.90
CA SER B 238 -17.89 -9.86 -1.54
C SER B 238 -16.62 -10.44 -0.93
N ALA B 239 -16.59 -10.60 0.39
CA ALA B 239 -15.38 -11.10 1.01
C ALA B 239 -15.10 -12.55 0.60
N TYR B 240 -16.16 -13.37 0.48
CA TYR B 240 -15.98 -14.73 -0.04
C TYR B 240 -15.64 -14.71 -1.52
N GLU B 241 -16.26 -13.81 -2.28
CA GLU B 241 -15.94 -13.73 -3.69
C GLU B 241 -14.48 -13.33 -3.89
N ILE B 242 -13.99 -12.33 -3.14
CA ILE B 242 -12.61 -11.89 -3.28
C ILE B 242 -11.66 -13.05 -3.07
N ILE B 243 -11.87 -13.80 -1.99
CA ILE B 243 -11.04 -14.97 -1.70
C ILE B 243 -11.14 -16.01 -2.81
N LYS B 244 -12.32 -16.18 -3.41
CA LYS B 244 -12.47 -17.17 -4.46
C LYS B 244 -11.75 -16.77 -5.74
N LEU B 245 -11.81 -15.49 -6.12
CA LEU B 245 -11.16 -15.02 -7.34
C LEU B 245 -9.66 -14.79 -7.17
N LYS B 246 -9.22 -14.51 -5.95
CA LYS B 246 -7.87 -14.02 -5.73
C LYS B 246 -7.12 -14.90 -4.72
N GLY B 247 -7.66 -15.03 -3.51
CA GLY B 247 -7.04 -15.89 -2.52
C GLY B 247 -7.13 -15.37 -1.11
N TYR B 248 -7.39 -14.07 -0.95
CA TYR B 248 -7.31 -13.43 0.35
C TYR B 248 -7.76 -11.98 0.16
N THR B 249 -8.11 -11.33 1.26
CA THR B 249 -8.66 -9.98 1.24
C THR B 249 -7.61 -8.96 1.73
N SER B 250 -6.42 -8.99 1.12
CA SER B 250 -5.28 -8.32 1.72
C SER B 250 -5.43 -6.80 1.78
N TRP B 251 -5.72 -6.15 0.64
CA TRP B 251 -5.76 -4.68 0.59
C TRP B 251 -6.79 -4.10 1.56
N ALA B 252 -7.98 -4.71 1.62
CA ALA B 252 -9.08 -4.17 2.41
C ALA B 252 -8.85 -4.34 3.90
N ILE B 253 -8.24 -5.46 4.33
CA ILE B 253 -7.87 -5.59 5.73
C ILE B 253 -6.76 -4.61 6.09
N GLY B 254 -5.78 -4.43 5.20
CA GLY B 254 -4.73 -3.45 5.44
C GLY B 254 -5.28 -2.05 5.59
N LEU B 255 -6.23 -1.68 4.73
CA LEU B 255 -6.93 -0.40 4.90
C LEU B 255 -7.64 -0.31 6.25
N SER B 256 -8.33 -1.38 6.65
CA SER B 256 -9.08 -1.36 7.91
C SER B 256 -8.15 -1.28 9.11
N VAL B 257 -7.02 -1.99 9.05
CA VAL B 257 -6.07 -1.94 10.16
C VAL B 257 -5.47 -0.54 10.30
N MET B 258 -5.09 0.07 9.17
CA MET B 258 -4.59 1.45 9.20
C MET B 258 -5.61 2.39 9.86
N ASP B 259 -6.91 2.21 9.57
CA ASP B 259 -7.94 3.04 10.20
C ASP B 259 -7.94 2.89 11.72
N LEU B 260 -7.73 1.67 12.21
CA LEU B 260 -7.75 1.42 13.65
C LEU B 260 -6.50 1.97 14.33
N VAL B 261 -5.34 1.77 13.70
CA VAL B 261 -4.09 2.35 14.20
C VAL B 261 -4.21 3.85 14.34
N GLY B 262 -4.87 4.50 13.37
CA GLY B 262 -5.08 5.93 13.46
C GLY B 262 -5.75 6.33 14.76
N SER B 263 -6.90 5.72 15.07
CA SER B 263 -7.65 6.15 16.25
C SER B 263 -6.86 5.95 17.52
N ILE B 264 -6.06 4.89 17.57
CA ILE B 264 -5.33 4.55 18.80
C ILE B 264 -4.12 5.46 19.00
N LEU B 265 -3.29 5.62 17.96
CA LEU B 265 -2.08 6.46 18.10
C LEU B 265 -2.43 7.94 18.28
N LYS B 266 -3.47 8.41 17.63
CA LYS B 266 -3.84 9.81 17.72
C LYS B 266 -4.88 10.07 18.80
N ASN B 267 -5.31 9.02 19.50
CA ASN B 267 -6.24 9.17 20.61
C ASN B 267 -7.53 9.84 20.12
N LEU B 268 -7.97 9.44 18.93
CA LEU B 268 -9.14 10.06 18.31
C LEU B 268 -10.40 9.89 19.16
N ARG B 269 -10.54 8.77 19.86
CA ARG B 269 -11.77 8.41 20.56
C ARG B 269 -12.93 8.29 19.57
N ARG B 270 -12.62 7.78 18.38
CA ARG B 270 -13.63 7.39 17.41
C ARG B 270 -14.20 6.02 17.75
N VAL B 271 -15.41 5.76 17.28
CA VAL B 271 -16.13 4.52 17.57
C VAL B 271 -15.91 3.52 16.43
N HIS B 272 -15.43 2.33 16.76
CA HIS B 272 -15.25 1.27 15.77
C HIS B 272 -15.91 0.01 16.26
N PRO B 273 -16.43 -0.79 15.37
CA PRO B 273 -16.98 -2.10 15.77
C PRO B 273 -15.87 -3.16 15.73
N VAL B 274 -15.10 -3.21 16.82
CA VAL B 274 -13.95 -4.08 16.91
C VAL B 274 -14.24 -5.20 17.91
N SER B 275 -13.42 -6.24 17.84
CA SER B 275 -13.60 -7.41 18.69
C SER B 275 -12.98 -7.13 20.06
N THR B 276 -13.81 -7.19 21.10
CA THR B 276 -13.40 -6.98 22.48
C THR B 276 -14.22 -7.93 23.34
N MET B 277 -13.88 -8.01 24.62
CA MET B 277 -14.65 -8.90 25.49
C MET B 277 -15.98 -8.28 25.89
N VAL B 278 -17.06 -9.05 25.77
CA VAL B 278 -18.40 -8.54 26.00
C VAL B 278 -19.05 -9.15 27.24
N LYS B 279 -18.28 -9.77 28.13
CA LYS B 279 -18.86 -10.31 29.35
C LYS B 279 -19.51 -9.20 30.16
N GLY B 280 -20.79 -9.39 30.51
CA GLY B 280 -21.54 -8.38 31.21
C GLY B 280 -22.05 -7.24 30.35
N LEU B 281 -21.87 -7.32 29.03
CA LEU B 281 -22.36 -6.32 28.11
C LEU B 281 -23.29 -6.99 27.11
N TYR B 282 -24.27 -6.24 26.61
CA TYR B 282 -25.24 -6.74 25.64
C TYR B 282 -25.88 -8.05 26.10
N GLY B 283 -25.96 -8.27 27.41
CA GLY B 283 -26.64 -9.40 27.98
C GLY B 283 -25.89 -10.72 27.95
N ILE B 284 -24.53 -10.70 27.81
CA ILE B 284 -23.69 -11.90 27.78
C ILE B 284 -23.14 -12.15 29.18
N LYS B 285 -22.92 -13.41 29.56
CA LYS B 285 -22.40 -13.65 30.90
C LYS B 285 -21.10 -14.47 30.98
N GLU B 286 -20.50 -14.88 29.86
CA GLU B 286 -19.21 -15.54 29.92
C GLU B 286 -18.15 -14.70 29.20
N GLU B 287 -16.89 -14.98 29.52
CA GLU B 287 -15.75 -14.30 28.88
C GLU B 287 -15.65 -14.71 27.42
N LEU B 288 -16.11 -13.85 26.52
CA LEU B 288 -15.91 -14.12 25.11
C LEU B 288 -15.73 -12.78 24.39
N PHE B 289 -15.20 -12.86 23.17
CA PHE B 289 -14.96 -11.67 22.36
C PHE B 289 -15.94 -11.64 21.20
N LEU B 290 -16.62 -10.51 21.05
CA LEU B 290 -17.39 -10.21 19.84
C LEU B 290 -17.17 -8.75 19.48
N SER B 291 -17.59 -8.38 18.27
CA SER B 291 -17.53 -6.98 17.83
C SER B 291 -18.71 -6.19 18.39
N ILE B 292 -18.40 -5.15 19.15
CA ILE B 292 -19.36 -4.13 19.55
C ILE B 292 -18.71 -2.77 19.35
N PRO B 293 -19.53 -1.71 19.26
CA PRO B 293 -18.96 -0.38 18.98
C PRO B 293 -18.16 0.12 20.18
N CYS B 294 -16.87 0.33 19.96
CA CYS B 294 -15.93 0.70 21.01
C CYS B 294 -15.32 2.06 20.72
N VAL B 295 -15.14 2.84 21.77
CA VAL B 295 -14.33 4.04 21.72
C VAL B 295 -12.87 3.62 21.79
N LEU B 296 -12.10 3.93 20.75
CA LEU B 296 -10.68 3.59 20.70
C LEU B 296 -9.84 4.85 20.88
N GLY B 297 -8.85 4.76 21.76
CA GLY B 297 -7.89 5.82 21.93
C GLY B 297 -6.53 5.25 22.23
N ARG B 298 -5.68 6.04 22.90
CA ARG B 298 -4.29 5.63 23.10
C ARG B 298 -4.17 4.51 24.12
N ASN B 299 -5.18 4.30 24.95
CA ASN B 299 -5.16 3.21 25.91
C ASN B 299 -5.89 1.97 25.37
N GLY B 300 -6.32 2.00 24.12
CA GLY B 300 -7.12 0.93 23.57
C GLY B 300 -8.58 1.26 23.79
N VAL B 301 -9.38 0.26 24.15
CA VAL B 301 -10.82 0.47 24.32
C VAL B 301 -11.04 1.19 25.64
N SER B 302 -11.40 2.48 25.58
CA SER B 302 -11.69 3.17 26.83
C SER B 302 -13.16 3.06 27.24
N ASP B 303 -14.08 2.89 26.28
CA ASP B 303 -15.52 2.89 26.49
C ASP B 303 -16.20 2.03 25.42
N VAL B 304 -17.45 1.62 25.70
CA VAL B 304 -18.28 0.93 24.72
C VAL B 304 -19.64 1.62 24.62
N VAL B 305 -20.17 1.66 23.41
CA VAL B 305 -21.49 2.24 23.16
C VAL B 305 -22.56 1.16 23.34
N LYS B 306 -23.46 1.38 24.31
CA LYS B 306 -24.61 0.51 24.52
C LYS B 306 -25.67 0.86 23.50
N ILE B 307 -25.91 -0.02 22.53
CA ILE B 307 -27.02 0.13 21.59
C ILE B 307 -28.13 -0.80 22.00
N ASN B 308 -29.34 -0.27 22.04
CA ASN B 308 -30.53 -1.10 22.20
C ASN B 308 -30.77 -1.84 20.89
N LEU B 309 -30.61 -3.16 20.92
CA LEU B 309 -30.87 -4.01 19.76
C LEU B 309 -32.34 -4.44 19.72
N ASN B 310 -32.92 -4.42 18.52
CA ASN B 310 -34.27 -4.98 18.40
C ASN B 310 -34.21 -6.51 18.56
N SER B 311 -35.37 -7.14 18.75
CA SER B 311 -35.36 -8.54 19.17
C SER B 311 -34.70 -9.44 18.10
N GLU B 312 -34.86 -9.12 16.82
CA GLU B 312 -34.13 -9.86 15.79
C GLU B 312 -32.63 -9.66 15.92
N GLU B 313 -32.20 -8.46 16.37
CA GLU B 313 -30.78 -8.16 16.49
C GLU B 313 -30.22 -8.79 17.76
N GLU B 314 -30.99 -8.76 18.84
CA GLU B 314 -30.48 -9.36 20.07
C GLU B 314 -30.31 -10.87 19.92
N ALA B 315 -31.18 -11.51 19.13
CA ALA B 315 -31.17 -12.96 19.01
C ALA B 315 -30.02 -13.43 18.10
N LEU B 316 -29.89 -12.81 16.93
CA LEU B 316 -28.74 -13.07 16.08
C LEU B 316 -27.43 -12.89 16.84
N PHE B 317 -27.33 -11.80 17.61
CA PHE B 317 -26.11 -11.53 18.35
C PHE B 317 -25.89 -12.59 19.41
N LYS B 318 -26.88 -12.80 20.26
CA LYS B 318 -26.72 -13.72 21.38
C LYS B 318 -26.47 -15.14 20.90
N LYS B 319 -26.93 -15.50 19.70
CA LYS B 319 -26.59 -16.80 19.13
C LYS B 319 -25.09 -16.89 18.87
N SER B 320 -24.49 -15.82 18.32
CA SER B 320 -23.06 -15.85 18.03
C SER B 320 -22.25 -15.97 19.32
N ALA B 321 -22.70 -15.31 20.39
CA ALA B 321 -22.02 -15.49 21.66
C ALA B 321 -22.05 -16.95 22.11
N GLU B 322 -23.13 -17.67 21.79
CA GLU B 322 -23.18 -19.10 22.12
C GLU B 322 -22.24 -19.88 21.22
N THR B 323 -22.24 -19.57 19.92
CA THR B 323 -21.27 -20.20 19.02
C THR B 323 -19.86 -20.03 19.54
N LEU B 324 -19.49 -18.80 19.91
CA LEU B 324 -18.13 -18.57 20.35
C LEU B 324 -17.87 -19.31 21.65
N TRP B 325 -18.87 -19.37 22.52
CA TRP B 325 -18.71 -20.06 23.79
C TRP B 325 -18.58 -21.57 23.57
N ASN B 326 -19.33 -22.12 22.61
CA ASN B 326 -19.23 -23.55 22.30
C ASN B 326 -17.86 -23.92 21.73
N ILE B 327 -17.28 -23.04 20.90
CA ILE B 327 -15.90 -23.25 20.43
C ILE B 327 -14.92 -23.17 21.61
N GLN B 328 -15.10 -22.19 22.50
CA GLN B 328 -14.17 -22.04 23.62
C GLN B 328 -14.22 -23.24 24.55
N LYS B 329 -15.38 -23.88 24.67
CA LYS B 329 -15.52 -25.07 25.50
C LYS B 329 -14.65 -26.21 24.95
N ASP B 330 -14.75 -26.49 23.65
CA ASP B 330 -13.90 -27.49 23.03
C ASP B 330 -12.42 -27.15 23.21
N LEU B 331 -12.10 -25.87 23.25
CA LEU B 331 -10.74 -25.40 23.42
C LEU B 331 -10.18 -25.88 24.76
N GLN B 332 -8.85 -25.97 24.82
CA GLN B 332 -8.14 -26.32 26.04
C GLN B 332 -7.26 -25.14 26.46
N PHE B 333 -6.35 -25.40 27.39
CA PHE B 333 -5.34 -24.41 27.77
C PHE B 333 -5.94 -23.09 28.22
#